data_7ZLU
#
_entry.id   7ZLU
#
_cell.length_a   68.159
_cell.length_b   72.316
_cell.length_c   72.393
_cell.angle_alpha   110.48
_cell.angle_beta   108.33
_cell.angle_gamma   108.26
#
_symmetry.space_group_name_H-M   'P 1'
#
loop_
_entity.id
_entity.type
_entity.pdbx_description
1 polymer 'UDP-glucose-glycoprotein glucosyltransferase-like protein'
2 non-polymer 2-acetamido-2-deoxy-beta-D-glucopyranose
3 non-polymer "URIDINE-5'-DIPHOSPHATE-2-DEOXY-2-FLUORO-ALPHA-D-GLUCOSE"
4 non-polymer 'CALCIUM ION'
5 non-polymer 1,3-PROPANDIOL
6 water water
#
_entity_poly.entity_id   1
_entity_poly.type   'polypeptide(L)'
_entity_poly.pdbx_seq_one_letter_code
;ETGEATKSVSKTEHAEINIFSVASGHLYERMLNIMMASVMHHTNHTVKFWFIEQFLSPSFKDFIPHMAAEYGFKYEMVTY
KWPHWLRQQKEKQREIWGYKILFLDVLFPLSLDKVIFVDADQIVRTDMYDLVEHPLDGAPYGFAPMCDSRVEMEGYRFWK
TGYWANYLKGKPYHISALYVVDLQRFRELAAGDRLRQQYHALSADPNSLANLDQDLPNHMQFTIPIATLPQEWLWCETWC
SDETLKDARTIDLCNNPMTKEPKLDRARRQVPEWTKYDEEIAELARRVREGTKHHHH
;
_entity_poly.pdbx_strand_id   A,B,C
#
loop_
_chem_comp.id
_chem_comp.type
_chem_comp.name
_chem_comp.formula
CA non-polymer 'CALCIUM ION' 'Ca 2'
NAG D-saccharide, beta linking 2-acetamido-2-deoxy-beta-D-glucopyranose 'C8 H15 N O6'
PDO non-polymer 1,3-PROPANDIOL 'C3 H8 O2'
U2F non-polymer URIDINE-5'-DIPHOSPHATE-2-DEOXY-2-FLUORO-ALPHA-D-GLUCOSE 'C15 H23 F N2 O16 P2'
#
# COMPACT_ATOMS: atom_id res chain seq x y z
N GLU A 13 -3.68 -22.50 9.82
CA GLU A 13 -4.13 -21.84 11.04
C GLU A 13 -3.64 -22.57 12.30
N HIS A 14 -4.03 -23.86 12.47
CA HIS A 14 -3.67 -24.76 13.56
C HIS A 14 -4.26 -26.19 13.46
N ALA A 15 -5.14 -26.42 12.43
CA ALA A 15 -5.96 -27.59 12.04
C ALA A 15 -7.32 -27.58 12.72
N GLU A 16 -8.35 -28.07 12.01
CA GLU A 16 -9.71 -28.11 12.53
C GLU A 16 -9.85 -29.15 13.64
N ILE A 17 -9.16 -30.29 13.48
CA ILE A 17 -9.16 -31.37 14.46
C ILE A 17 -7.75 -31.55 14.96
N ASN A 18 -7.55 -31.50 16.25
CA ASN A 18 -6.24 -31.72 16.83
C ASN A 18 -6.33 -32.86 17.78
N ILE A 19 -5.58 -33.93 17.52
CA ILE A 19 -5.60 -35.11 18.36
C ILE A 19 -4.24 -35.39 18.95
N PHE A 20 -4.17 -35.83 20.20
CA PHE A 20 -2.92 -36.27 20.79
C PHE A 20 -3.06 -37.67 21.30
N SER A 21 -1.96 -38.41 21.31
CA SER A 21 -1.98 -39.77 21.83
C SER A 21 -0.63 -40.13 22.40
N VAL A 22 -0.59 -41.23 23.14
CA VAL A 22 0.64 -41.72 23.73
C VAL A 22 0.73 -43.22 23.45
N ALA A 23 1.93 -43.68 23.06
CA ALA A 23 2.21 -45.05 22.72
C ALA A 23 3.63 -45.39 23.14
N SER A 24 3.77 -46.54 23.80
CA SER A 24 5.03 -47.08 24.26
C SER A 24 5.02 -48.58 23.97
N GLY A 25 5.83 -48.99 23.00
CA GLY A 25 5.88 -50.37 22.56
C GLY A 25 5.54 -50.45 21.10
N HIS A 26 6.13 -51.42 20.42
CA HIS A 26 5.95 -51.62 18.99
C HIS A 26 4.54 -52.03 18.66
N LEU A 27 3.87 -52.76 19.55
CA LEU A 27 2.49 -53.16 19.35
C LEU A 27 1.59 -51.92 19.37
N TYR A 28 1.82 -51.01 20.36
CA TYR A 28 1.00 -49.80 20.50
C TYR A 28 1.26 -48.78 19.42
N GLU A 29 2.49 -48.75 18.88
CA GLU A 29 2.89 -47.91 17.76
C GLU A 29 2.22 -48.40 16.47
N ARG A 30 2.10 -49.73 16.30
CA ARG A 30 1.46 -50.35 15.17
C ARG A 30 -0.04 -49.99 15.20
N MET A 31 -0.67 -50.06 16.38
CA MET A 31 -2.07 -49.66 16.54
C MET A 31 -2.25 -48.15 16.39
N LEU A 32 -1.24 -47.34 16.76
CA LEU A 32 -1.29 -45.88 16.67
C LEU A 32 -1.40 -45.44 15.22
N ASN A 33 -0.64 -46.09 14.32
CA ASN A 33 -0.75 -45.78 12.90
C ASN A 33 -2.18 -46.11 12.39
N ILE A 34 -2.75 -47.23 12.86
CA ILE A 34 -4.09 -47.66 12.48
C ILE A 34 -5.13 -46.67 12.94
N MET A 35 -4.99 -46.19 14.19
CA MET A 35 -5.89 -45.19 14.74
C MET A 35 -5.89 -43.94 13.88
N MET A 36 -4.70 -43.46 13.52
CA MET A 36 -4.57 -42.28 12.67
C MET A 36 -5.22 -42.49 11.32
N ALA A 37 -5.01 -43.66 10.69
CA ALA A 37 -5.63 -43.93 9.39
C ALA A 37 -7.16 -43.93 9.50
N SER A 38 -7.69 -44.54 10.56
CA SER A 38 -9.14 -44.56 10.76
C SER A 38 -9.74 -43.17 10.92
N VAL A 39 -9.01 -42.25 11.59
CA VAL A 39 -9.46 -40.86 11.76
C VAL A 39 -9.58 -40.21 10.37
N MET A 40 -8.52 -40.30 9.55
CA MET A 40 -8.43 -39.70 8.23
C MET A 40 -9.41 -40.26 7.24
N HIS A 41 -9.76 -41.55 7.36
CA HIS A 41 -10.72 -42.16 6.47
CA HIS A 41 -10.75 -42.14 6.46
C HIS A 41 -12.17 -41.65 6.76
N HIS A 42 -12.43 -41.11 7.95
CA HIS A 42 -13.75 -40.66 8.34
C HIS A 42 -13.95 -39.17 8.42
N THR A 43 -12.99 -38.37 7.97
CA THR A 43 -13.15 -36.93 7.97
C THR A 43 -12.57 -36.29 6.70
N ASN A 44 -13.13 -35.16 6.29
CA ASN A 44 -12.64 -34.31 5.22
C ASN A 44 -12.07 -33.00 5.84
N HIS A 45 -12.12 -32.83 7.17
CA HIS A 45 -11.61 -31.66 7.84
C HIS A 45 -10.09 -31.76 7.99
N THR A 46 -9.42 -30.62 8.28
CA THR A 46 -7.97 -30.63 8.46
C THR A 46 -7.63 -31.24 9.82
N VAL A 47 -6.60 -32.10 9.88
CA VAL A 47 -6.21 -32.81 11.09
C VAL A 47 -4.73 -32.63 11.39
N LYS A 48 -4.40 -32.57 12.67
CA LYS A 48 -3.02 -32.52 13.14
C LYS A 48 -2.92 -33.48 14.32
N PHE A 49 -1.94 -34.37 14.29
CA PHE A 49 -1.69 -35.31 15.38
C PHE A 49 -0.50 -34.83 16.21
N TRP A 50 -0.61 -34.93 17.52
CA TRP A 50 0.44 -34.50 18.43
C TRP A 50 0.93 -35.72 19.18
N PHE A 51 2.25 -35.93 19.22
CA PHE A 51 2.81 -37.12 19.83
C PHE A 51 3.61 -36.84 21.04
N ILE A 52 3.49 -37.69 22.07
CA ILE A 52 4.33 -37.54 23.26
C ILE A 52 5.61 -38.24 22.86
N GLU A 53 6.54 -37.45 22.34
CA GLU A 53 7.80 -37.84 21.72
C GLU A 53 8.68 -38.85 22.45
N GLN A 54 9.00 -38.61 23.74
CA GLN A 54 10.02 -39.43 24.44
C GLN A 54 9.73 -40.92 24.52
N PHE A 55 8.46 -41.32 24.37
CA PHE A 55 8.10 -42.74 24.44
C PHE A 55 8.21 -43.49 23.14
N LEU A 56 8.31 -42.76 22.03
CA LEU A 56 8.34 -43.36 20.72
C LEU A 56 9.72 -43.92 20.31
N SER A 57 9.68 -44.93 19.44
CA SER A 57 10.82 -45.57 18.86
C SER A 57 11.35 -44.70 17.71
N PRO A 58 12.66 -44.81 17.40
CA PRO A 58 13.20 -44.09 16.23
C PRO A 58 12.50 -44.48 14.92
N SER A 59 12.12 -45.75 14.74
CA SER A 59 11.42 -46.20 13.52
C SER A 59 10.09 -45.48 13.34
N PHE A 60 9.31 -45.34 14.43
CA PHE A 60 8.01 -44.71 14.35
C PHE A 60 8.15 -43.25 13.92
N LYS A 61 9.06 -42.52 14.58
CA LYS A 61 9.33 -41.11 14.31
C LYS A 61 9.83 -40.89 12.89
N ASP A 62 10.56 -41.85 12.34
CA ASP A 62 11.05 -41.77 10.99
C ASP A 62 9.93 -42.04 9.98
N PHE A 63 8.99 -42.95 10.31
CA PHE A 63 7.87 -43.28 9.44
C PHE A 63 6.73 -42.26 9.43
N ILE A 64 6.53 -41.48 10.52
CA ILE A 64 5.42 -40.53 10.60
C ILE A 64 5.36 -39.52 9.40
N PRO A 65 6.46 -38.96 8.82
CA PRO A 65 6.27 -38.08 7.65
C PRO A 65 5.68 -38.81 6.44
N HIS A 66 5.92 -40.12 6.33
CA HIS A 66 5.35 -40.92 5.25
C HIS A 66 3.86 -41.07 5.48
N MET A 67 3.43 -41.36 6.74
CA MET A 67 2.00 -41.45 7.09
C MET A 67 1.33 -40.12 6.81
N ALA A 68 1.98 -39.02 7.19
CA ALA A 68 1.46 -37.68 7.01
C ALA A 68 1.19 -37.33 5.56
N ALA A 69 2.13 -37.69 4.68
CA ALA A 69 2.03 -37.43 3.25
C ALA A 69 1.04 -38.35 2.55
N GLU A 70 0.85 -39.58 3.05
CA GLU A 70 -0.06 -40.53 2.45
C GLU A 70 -1.50 -40.22 2.85
N TYR A 71 -1.73 -39.89 4.12
CA TYR A 71 -3.05 -39.65 4.68
C TYR A 71 -3.47 -38.19 4.70
N GLY A 72 -2.55 -37.28 4.45
CA GLY A 72 -2.87 -35.86 4.39
C GLY A 72 -3.15 -35.21 5.72
N PHE A 73 -2.21 -35.33 6.65
CA PHE A 73 -2.35 -34.70 7.96
C PHE A 73 -1.05 -33.99 8.35
N LYS A 74 -1.13 -33.08 9.30
CA LYS A 74 0.03 -32.41 9.86
C LYS A 74 0.35 -33.14 11.18
N TYR A 75 1.50 -32.85 11.77
CA TYR A 75 1.89 -33.44 13.04
C TYR A 75 2.91 -32.62 13.76
N GLU A 76 3.07 -32.87 15.06
CA GLU A 76 4.05 -32.20 15.88
C GLU A 76 4.43 -33.08 17.06
N MET A 77 5.73 -33.12 17.38
CA MET A 77 6.26 -33.90 18.49
C MET A 77 6.35 -33.01 19.72
N VAL A 78 5.84 -33.45 20.86
CA VAL A 78 5.93 -32.68 22.10
C VAL A 78 6.82 -33.41 23.10
N THR A 79 7.85 -32.74 23.60
CA THR A 79 8.79 -33.31 24.57
C THR A 79 8.73 -32.38 25.77
N TYR A 80 7.96 -32.75 26.80
CA TYR A 80 7.82 -31.94 28.00
C TYR A 80 8.47 -32.69 29.18
N LYS A 81 9.37 -32.03 29.90
CA LYS A 81 10.08 -32.68 31.00
C LYS A 81 9.26 -32.65 32.28
N TRP A 82 9.09 -33.81 32.97
CA TRP A 82 8.35 -33.91 34.25
C TRP A 82 8.98 -32.96 35.27
N PRO A 83 8.19 -32.03 35.82
CA PRO A 83 8.73 -31.08 36.80
C PRO A 83 9.32 -31.78 38.02
N HIS A 84 10.50 -31.34 38.50
CA HIS A 84 11.18 -31.97 39.64
C HIS A 84 10.37 -31.95 40.92
N TRP A 85 9.57 -30.91 41.16
CA TRP A 85 8.78 -30.82 42.38
C TRP A 85 7.68 -31.88 42.45
N LEU A 86 7.15 -32.26 41.28
CA LEU A 86 6.01 -33.13 41.13
C LEU A 86 6.37 -34.57 41.35
N ARG A 87 5.66 -35.25 42.27
CA ARG A 87 5.88 -36.66 42.61
C ARG A 87 5.96 -37.52 41.37
N GLN A 88 7.06 -38.25 41.20
CA GLN A 88 7.33 -39.10 40.05
C GLN A 88 6.66 -40.46 40.14
N GLN A 89 6.55 -41.14 38.99
CA GLN A 89 6.00 -42.47 38.90
C GLN A 89 7.10 -43.43 38.41
N LYS A 90 7.54 -44.38 39.27
CA LYS A 90 8.58 -45.34 38.88
C LYS A 90 8.09 -46.34 37.83
N GLU A 91 6.78 -46.67 37.84
CA GLU A 91 6.21 -47.58 36.83
C GLU A 91 6.01 -46.79 35.53
N LYS A 92 6.61 -47.23 34.41
CA LYS A 92 6.48 -46.58 33.11
C LYS A 92 5.02 -46.42 32.69
N GLN A 93 4.16 -47.41 33.00
CA GLN A 93 2.72 -47.34 32.68
C GLN A 93 2.07 -46.12 33.33
N ARG A 94 2.36 -45.91 34.64
CA ARG A 94 1.82 -44.79 35.37
C ARG A 94 2.43 -43.46 34.93
N GLU A 95 3.71 -43.44 34.53
CA GLU A 95 4.34 -42.21 34.06
C GLU A 95 3.67 -41.77 32.74
N ILE A 96 3.35 -42.72 31.86
CA ILE A 96 2.66 -42.47 30.60
C ILE A 96 1.25 -41.95 30.90
N TRP A 97 0.58 -42.51 31.91
CA TRP A 97 -0.73 -42.01 32.34
C TRP A 97 -0.64 -40.58 32.83
N GLY A 98 0.45 -40.25 33.50
CA GLY A 98 0.73 -38.91 33.98
C GLY A 98 0.79 -37.93 32.83
N TYR A 99 1.41 -38.34 31.74
CA TYR A 99 1.53 -37.50 30.55
C TYR A 99 0.18 -37.28 29.86
N LYS A 100 -0.80 -38.15 30.08
CA LYS A 100 -2.12 -37.99 29.47
C LYS A 100 -2.92 -36.92 30.19
N ILE A 101 -2.82 -36.88 31.53
CA ILE A 101 -3.70 -36.02 32.32
C ILE A 101 -3.07 -34.84 33.13
N LEU A 102 -1.75 -34.83 33.38
CA LEU A 102 -1.17 -33.83 34.24
C LEU A 102 -0.65 -32.57 33.59
N PHE A 103 -0.40 -32.59 32.28
CA PHE A 103 0.24 -31.49 31.60
C PHE A 103 -0.57 -30.95 30.40
N LEU A 104 -1.89 -30.97 30.48
CA LEU A 104 -2.73 -30.54 29.36
C LEU A 104 -2.54 -29.07 28.98
N ASP A 105 -2.16 -28.25 29.97
CA ASP A 105 -1.93 -26.83 29.79
C ASP A 105 -0.54 -26.47 29.33
N VAL A 106 0.44 -27.38 29.42
CA VAL A 106 1.82 -27.06 29.03
C VAL A 106 2.34 -27.81 27.82
N LEU A 107 1.66 -28.91 27.41
CA LEU A 107 2.10 -29.70 26.26
C LEU A 107 1.86 -29.00 24.94
N PHE A 108 0.83 -28.17 24.88
CA PHE A 108 0.39 -27.56 23.64
C PHE A 108 0.60 -26.05 23.64
N PRO A 109 0.73 -25.46 22.44
CA PRO A 109 0.94 -24.00 22.38
C PRO A 109 -0.31 -23.23 22.83
N LEU A 110 -0.09 -22.02 23.40
CA LEU A 110 -1.22 -21.20 23.85
C LEU A 110 -2.17 -20.82 22.72
N SER A 111 -1.72 -20.90 21.46
CA SER A 111 -2.58 -20.62 20.31
C SER A 111 -3.58 -21.76 20.04
N LEU A 112 -3.33 -22.99 20.55
CA LEU A 112 -4.24 -24.14 20.34
C LEU A 112 -5.41 -24.05 21.29
N ASP A 113 -6.64 -24.03 20.74
CA ASP A 113 -7.85 -23.88 21.55
C ASP A 113 -8.47 -25.18 22.03
N LYS A 114 -8.18 -26.29 21.35
CA LYS A 114 -8.81 -27.56 21.69
C LYS A 114 -7.99 -28.72 21.18
N VAL A 115 -7.89 -29.77 21.98
CA VAL A 115 -7.18 -30.98 21.62
C VAL A 115 -8.01 -32.17 22.13
N ILE A 116 -7.95 -33.28 21.40
CA ILE A 116 -8.69 -34.48 21.77
C ILE A 116 -7.69 -35.60 22.00
N PHE A 117 -7.75 -36.27 23.17
CA PHE A 117 -6.93 -37.45 23.36
C PHE A 117 -7.72 -38.64 22.73
N VAL A 118 -7.06 -39.44 21.90
CA VAL A 118 -7.63 -40.65 21.30
C VAL A 118 -6.59 -41.73 21.61
N ASP A 119 -7.03 -42.83 22.24
CA ASP A 119 -6.11 -43.89 22.61
C ASP A 119 -5.44 -44.52 21.40
N ALA A 120 -4.16 -44.95 21.59
CA ALA A 120 -3.37 -45.53 20.52
C ALA A 120 -4.04 -46.77 19.93
N ASP A 121 -4.74 -47.54 20.75
CA ASP A 121 -5.43 -48.75 20.30
C ASP A 121 -6.87 -48.48 19.81
N GLN A 122 -7.24 -47.24 19.48
CA GLN A 122 -8.61 -46.96 19.07
C GLN A 122 -8.86 -47.16 17.58
N ILE A 123 -10.13 -47.39 17.24
CA ILE A 123 -10.59 -47.44 15.87
C ILE A 123 -11.71 -46.41 15.79
N VAL A 124 -11.55 -45.42 14.93
CA VAL A 124 -12.49 -44.35 14.76
C VAL A 124 -13.42 -44.66 13.59
N ARG A 125 -14.73 -44.47 13.79
CA ARG A 125 -15.76 -44.69 12.76
C ARG A 125 -16.67 -43.47 12.62
N THR A 126 -16.14 -42.27 12.86
CA THR A 126 -16.91 -41.03 12.85
C THR A 126 -16.04 -39.85 12.39
N ASP A 127 -16.69 -38.74 12.05
CA ASP A 127 -15.97 -37.52 11.76
C ASP A 127 -15.65 -36.90 13.12
N MET A 128 -14.39 -36.89 13.48
CA MET A 128 -13.94 -36.33 14.75
C MET A 128 -14.24 -34.85 14.93
N TYR A 129 -14.55 -34.11 13.86
CA TYR A 129 -14.96 -32.70 14.00
C TYR A 129 -16.28 -32.59 14.80
N ASP A 130 -17.12 -33.65 14.82
CA ASP A 130 -18.35 -33.63 15.62
C ASP A 130 -17.99 -33.55 17.12
N LEU A 131 -16.79 -34.05 17.53
CA LEU A 131 -16.41 -33.95 18.95
C LEU A 131 -15.86 -32.54 19.25
N VAL A 132 -15.18 -31.94 18.28
CA VAL A 132 -14.71 -30.56 18.38
C VAL A 132 -15.95 -29.64 18.57
N GLU A 133 -17.04 -29.91 17.80
CA GLU A 133 -18.27 -29.11 17.87
C GLU A 133 -19.21 -29.47 18.99
N HIS A 134 -19.00 -30.60 19.68
CA HIS A 134 -19.90 -31.01 20.75
C HIS A 134 -19.93 -29.97 21.88
N PRO A 135 -21.12 -29.51 22.30
CA PRO A 135 -21.18 -28.49 23.35
C PRO A 135 -20.77 -29.01 24.71
N LEU A 136 -19.82 -28.31 25.36
CA LEU A 136 -19.33 -28.71 26.68
C LEU A 136 -20.00 -27.99 27.84
N ASP A 137 -20.84 -26.96 27.56
CA ASP A 137 -21.58 -26.23 28.59
C ASP A 137 -20.67 -25.66 29.70
N GLY A 138 -19.51 -25.14 29.33
CA GLY A 138 -18.58 -24.57 30.30
C GLY A 138 -17.57 -25.51 30.92
N ALA A 139 -17.65 -26.83 30.60
CA ALA A 139 -16.68 -27.79 31.14
C ALA A 139 -15.36 -27.68 30.40
N PRO A 140 -14.23 -27.80 31.13
CA PRO A 140 -12.93 -27.76 30.46
C PRO A 140 -12.59 -29.03 29.66
N TYR A 141 -13.30 -30.14 29.93
CA TYR A 141 -13.12 -31.39 29.20
C TYR A 141 -14.35 -32.29 29.26
N GLY A 142 -14.47 -33.16 28.26
CA GLY A 142 -15.55 -34.11 28.13
C GLY A 142 -15.06 -35.52 27.98
N PHE A 143 -15.63 -36.44 28.75
CA PHE A 143 -15.30 -37.86 28.72
C PHE A 143 -16.59 -38.65 28.58
N ALA A 144 -16.51 -39.82 27.96
CA ALA A 144 -17.64 -40.71 27.85
C ALA A 144 -17.72 -41.53 29.15
N PRO A 145 -18.97 -41.87 29.55
CA PRO A 145 -19.10 -42.72 30.74
C PRO A 145 -18.74 -44.18 30.44
N MET A 146 -18.45 -44.94 31.50
CA MET A 146 -18.27 -46.38 31.39
C MET A 146 -19.64 -46.98 31.11
N CYS A 147 -19.70 -47.92 30.20
CA CYS A 147 -20.95 -48.61 29.86
C CYS A 147 -21.47 -49.43 31.01
N ASP A 148 -22.81 -49.51 31.11
CA ASP A 148 -23.49 -50.43 32.01
C ASP A 148 -24.21 -51.55 31.23
N SER A 149 -24.33 -51.44 29.89
CA SER A 149 -25.10 -52.31 29.04
C SER A 149 -24.73 -53.82 29.05
N ARG A 150 -23.46 -54.19 29.28
CA ARG A 150 -23.10 -55.62 29.34
C ARG A 150 -23.31 -56.07 30.80
N VAL A 151 -24.50 -56.61 31.10
CA VAL A 151 -24.88 -56.99 32.47
C VAL A 151 -24.03 -58.10 33.06
N GLU A 152 -23.53 -59.04 32.24
CA GLU A 152 -22.68 -60.14 32.71
C GLU A 152 -21.35 -59.67 33.35
N MET A 153 -20.96 -58.41 33.11
CA MET A 153 -19.72 -57.85 33.63
C MET A 153 -19.87 -56.99 34.88
N GLU A 154 -21.07 -56.90 35.46
CA GLU A 154 -21.35 -56.09 36.65
C GLU A 154 -20.38 -56.30 37.83
N GLY A 155 -19.94 -57.53 38.05
CA GLY A 155 -18.99 -57.84 39.12
C GLY A 155 -17.63 -57.20 38.96
N TYR A 156 -17.27 -56.83 37.72
CA TYR A 156 -15.99 -56.17 37.45
C TYR A 156 -16.11 -54.63 37.43
N ARG A 157 -17.35 -54.08 37.54
CA ARG A 157 -17.56 -52.64 37.56
C ARG A 157 -17.28 -52.15 38.97
N PHE A 158 -16.00 -51.98 39.30
CA PHE A 158 -15.53 -51.59 40.63
C PHE A 158 -16.12 -50.27 41.13
N TRP A 159 -16.46 -49.38 40.20
CA TRP A 159 -17.01 -48.06 40.46
C TRP A 159 -18.50 -48.08 40.87
N LYS A 160 -19.20 -49.22 40.68
CA LYS A 160 -20.60 -49.35 41.04
C LYS A 160 -20.84 -49.75 42.52
N THR A 161 -19.77 -50.11 43.24
CA THR A 161 -19.81 -50.49 44.67
C THR A 161 -18.56 -49.89 45.41
N GLY A 162 -18.49 -50.06 46.73
CA GLY A 162 -17.35 -49.62 47.50
C GLY A 162 -17.06 -48.14 47.48
N TYR A 163 -15.76 -47.79 47.49
CA TYR A 163 -15.30 -46.40 47.54
C TYR A 163 -15.94 -45.51 46.48
N TRP A 164 -15.82 -45.88 45.19
CA TRP A 164 -16.33 -45.07 44.11
C TRP A 164 -17.82 -44.85 44.12
N ALA A 165 -18.63 -45.88 44.48
CA ALA A 165 -20.08 -45.67 44.49
C ALA A 165 -20.49 -44.64 45.53
N ASN A 166 -19.80 -44.61 46.66
CA ASN A 166 -20.09 -43.64 47.72
C ASN A 166 -19.57 -42.27 47.32
N TYR A 167 -18.36 -42.21 46.75
CA TYR A 167 -17.74 -40.95 46.34
C TYR A 167 -18.49 -40.22 45.24
N LEU A 168 -18.92 -40.97 44.22
CA LEU A 168 -19.54 -40.37 43.05
C LEU A 168 -20.91 -39.82 43.30
N LYS A 169 -21.64 -40.33 44.30
CA LYS A 169 -22.99 -39.83 44.61
C LYS A 169 -23.92 -39.89 43.39
N GLY A 170 -23.77 -40.92 42.56
CA GLY A 170 -24.58 -41.12 41.37
C GLY A 170 -24.01 -40.52 40.10
N LYS A 171 -22.91 -39.74 40.21
CA LYS A 171 -22.23 -39.18 39.06
C LYS A 171 -21.63 -40.34 38.25
N PRO A 172 -21.46 -40.17 36.92
CA PRO A 172 -20.85 -41.23 36.14
C PRO A 172 -19.36 -41.39 36.44
N TYR A 173 -18.86 -42.62 36.27
CA TYR A 173 -17.43 -42.92 36.33
C TYR A 173 -17.05 -43.05 34.84
N HIS A 174 -16.26 -42.10 34.39
CA HIS A 174 -15.87 -41.92 32.99
C HIS A 174 -14.61 -42.70 32.61
N ILE A 175 -14.57 -43.17 31.36
CA ILE A 175 -13.41 -43.91 30.84
C ILE A 175 -12.43 -42.88 30.24
N SER A 176 -11.11 -43.05 30.48
CA SER A 176 -10.13 -42.08 30.00
C SER A 176 -9.49 -42.44 28.63
N ALA A 177 -10.13 -43.34 27.85
CA ALA A 177 -9.59 -43.70 26.55
C ALA A 177 -9.77 -42.59 25.52
N LEU A 178 -10.83 -41.80 25.67
CA LEU A 178 -11.11 -40.71 24.75
C LEU A 178 -11.56 -39.49 25.57
N TYR A 179 -11.06 -38.30 25.24
CA TYR A 179 -11.53 -37.08 25.87
C TYR A 179 -11.23 -35.82 25.05
N VAL A 180 -12.16 -34.87 25.06
CA VAL A 180 -11.98 -33.60 24.38
C VAL A 180 -11.63 -32.56 25.43
N VAL A 181 -10.59 -31.79 25.18
CA VAL A 181 -10.15 -30.76 26.13
C VAL A 181 -10.32 -29.40 25.45
N ASP A 182 -11.13 -28.53 26.05
CA ASP A 182 -11.26 -27.14 25.61
C ASP A 182 -10.08 -26.46 26.30
N LEU A 183 -8.92 -26.40 25.63
CA LEU A 183 -7.73 -25.81 26.24
C LEU A 183 -7.94 -24.35 26.67
N GLN A 184 -8.80 -23.55 25.95
CA GLN A 184 -9.11 -22.17 26.34
C GLN A 184 -9.72 -22.20 27.71
N ARG A 185 -10.76 -23.03 27.90
CA ARG A 185 -11.47 -23.15 29.17
C ARG A 185 -10.63 -23.75 30.29
N PHE A 186 -9.94 -24.84 30.00
CA PHE A 186 -9.02 -25.56 30.91
C PHE A 186 -7.96 -24.57 31.47
N ARG A 187 -7.46 -23.67 30.63
CA ARG A 187 -6.50 -22.66 31.07
C ARG A 187 -7.20 -21.61 31.90
N GLU A 188 -8.40 -21.17 31.44
CA GLU A 188 -9.26 -20.21 32.14
C GLU A 188 -9.53 -20.64 33.56
N LEU A 189 -9.61 -21.93 33.81
CA LEU A 189 -9.92 -22.47 35.12
C LEU A 189 -8.67 -22.92 35.91
N ALA A 190 -7.45 -22.81 35.32
CA ALA A 190 -6.19 -23.31 35.92
C ALA A 190 -6.32 -24.80 36.29
N ALA A 191 -7.08 -25.57 35.47
CA ALA A 191 -7.29 -26.99 35.75
C ALA A 191 -6.00 -27.77 35.78
N GLY A 192 -5.02 -27.37 34.97
CA GLY A 192 -3.72 -28.01 34.96
C GLY A 192 -3.02 -27.92 36.30
N ASP A 193 -2.88 -26.67 36.85
CA ASP A 193 -2.26 -26.43 38.15
C ASP A 193 -3.00 -27.14 39.26
N ARG A 194 -4.33 -27.13 39.22
CA ARG A 194 -5.17 -27.81 40.19
C ARG A 194 -5.03 -29.37 40.11
N LEU A 195 -5.01 -29.93 38.90
CA LEU A 195 -4.85 -31.38 38.72
C LEU A 195 -3.45 -31.82 39.19
N ARG A 196 -2.38 -31.02 38.92
CA ARG A 196 -1.03 -31.34 39.40
C ARG A 196 -0.93 -31.29 40.92
N GLN A 197 -1.56 -30.28 41.56
CA GLN A 197 -1.50 -30.17 43.01
CA GLN A 197 -1.53 -30.12 43.02
C GLN A 197 -2.25 -31.28 43.69
N GLN A 198 -3.44 -31.62 43.17
CA GLN A 198 -4.24 -32.71 43.74
C GLN A 198 -3.55 -34.01 43.55
N TYR A 199 -2.99 -34.26 42.36
CA TYR A 199 -2.25 -35.48 42.09
C TYR A 199 -1.05 -35.59 43.06
N HIS A 200 -0.34 -34.47 43.30
CA HIS A 200 0.85 -34.50 44.15
C HIS A 200 0.50 -34.89 45.56
N ALA A 201 -0.60 -34.35 46.09
CA ALA A 201 -1.03 -34.66 47.45
C ALA A 201 -1.60 -36.08 47.55
N LEU A 202 -2.48 -36.47 46.59
CA LEU A 202 -3.10 -37.78 46.61
C LEU A 202 -2.07 -38.89 46.45
N SER A 203 -1.12 -38.70 45.53
CA SER A 203 -0.12 -39.73 45.25
C SER A 203 0.86 -39.99 46.38
N ALA A 204 0.81 -39.23 47.50
CA ALA A 204 1.66 -39.54 48.67
C ALA A 204 1.32 -40.93 49.22
N ASP A 205 0.05 -41.35 49.06
CA ASP A 205 -0.46 -42.65 49.40
C ASP A 205 -0.28 -43.51 48.14
N PRO A 206 0.58 -44.55 48.18
CA PRO A 206 0.79 -45.38 46.98
C PRO A 206 -0.41 -46.24 46.57
N ASN A 207 -1.43 -46.35 47.43
CA ASN A 207 -2.67 -47.08 47.13
C ASN A 207 -3.69 -46.20 46.39
N SER A 208 -3.50 -44.87 46.39
CA SER A 208 -4.41 -43.94 45.74
C SER A 208 -4.17 -43.86 44.23
N LEU A 209 -5.20 -43.45 43.47
CA LEU A 209 -5.16 -43.28 42.01
C LEU A 209 -4.67 -44.52 41.25
N ALA A 210 -5.23 -45.71 41.57
CA ALA A 210 -4.85 -46.97 40.90
C ALA A 210 -4.84 -46.84 39.35
N ASN A 211 -5.86 -46.18 38.80
CA ASN A 211 -5.96 -45.94 37.37
C ASN A 211 -5.71 -44.43 37.20
N LEU A 212 -4.48 -43.97 37.45
CA LEU A 212 -4.07 -42.57 37.48
C LEU A 212 -4.79 -41.64 36.50
N ASP A 213 -4.72 -41.90 35.20
CA ASP A 213 -5.32 -41.04 34.17
C ASP A 213 -6.86 -40.99 34.22
N GLN A 214 -7.49 -42.05 34.74
CA GLN A 214 -8.94 -42.18 34.80
C GLN A 214 -9.50 -41.71 36.16
N ASP A 215 -8.89 -42.15 37.24
CA ASP A 215 -9.28 -41.79 38.60
C ASP A 215 -9.14 -40.30 38.88
N LEU A 216 -8.07 -39.64 38.43
CA LEU A 216 -7.89 -38.23 38.71
C LEU A 216 -9.03 -37.34 38.19
N PRO A 217 -9.41 -37.33 36.90
CA PRO A 217 -10.55 -36.48 36.48
C PRO A 217 -11.87 -36.91 37.13
N ASN A 218 -12.10 -38.22 37.35
CA ASN A 218 -13.30 -38.68 38.04
C ASN A 218 -13.36 -38.19 39.49
N HIS A 219 -12.20 -38.07 40.14
CA HIS A 219 -12.07 -37.60 41.51
C HIS A 219 -12.36 -36.12 41.58
N MET A 220 -11.87 -35.36 40.60
CA MET A 220 -12.01 -33.91 40.61
C MET A 220 -13.30 -33.39 39.96
N GLN A 221 -14.22 -34.27 39.51
CA GLN A 221 -15.38 -33.83 38.72
C GLN A 221 -16.39 -32.95 39.46
N PHE A 222 -16.32 -32.85 40.80
CA PHE A 222 -17.19 -31.93 41.53
C PHE A 222 -16.64 -30.49 41.45
N THR A 223 -15.32 -30.30 41.20
CA THR A 223 -14.76 -28.96 41.15
C THR A 223 -14.17 -28.58 39.77
N ILE A 224 -13.79 -29.58 38.96
CA ILE A 224 -13.31 -29.39 37.59
C ILE A 224 -14.32 -30.20 36.79
N PRO A 225 -15.36 -29.53 36.28
CA PRO A 225 -16.45 -30.27 35.64
C PRO A 225 -16.08 -31.10 34.42
N ILE A 226 -16.78 -32.23 34.26
CA ILE A 226 -16.65 -33.10 33.11
C ILE A 226 -17.96 -33.01 32.35
N ALA A 227 -17.90 -32.78 31.03
CA ALA A 227 -19.12 -32.82 30.24
C ALA A 227 -19.25 -34.30 29.86
N THR A 228 -20.23 -35.04 30.42
CA THR A 228 -20.40 -36.47 30.09
C THR A 228 -20.86 -36.57 28.66
N LEU A 229 -20.00 -37.11 27.81
CA LEU A 229 -20.27 -37.26 26.39
C LEU A 229 -21.31 -38.34 26.12
N PRO A 230 -22.02 -38.27 24.99
CA PRO A 230 -22.91 -39.37 24.59
C PRO A 230 -22.22 -40.73 24.68
N GLN A 231 -22.93 -41.77 25.13
CA GLN A 231 -22.34 -43.12 25.26
C GLN A 231 -21.73 -43.65 23.96
N GLU A 232 -22.32 -43.27 22.82
CA GLU A 232 -21.78 -43.69 21.53
C GLU A 232 -20.35 -43.18 21.24
N TRP A 233 -19.86 -42.16 21.97
CA TRP A 233 -18.50 -41.67 21.70
C TRP A 233 -17.41 -42.69 22.00
N LEU A 234 -17.64 -43.64 22.94
CA LEU A 234 -16.63 -44.64 23.27
C LEU A 234 -17.28 -45.98 23.51
N TRP A 235 -16.94 -47.00 22.71
CA TRP A 235 -17.46 -48.37 22.89
C TRP A 235 -16.32 -49.35 23.13
N CYS A 236 -16.43 -50.15 24.19
CA CYS A 236 -15.50 -51.22 24.53
C CYS A 236 -16.31 -52.50 24.79
N GLU A 237 -15.95 -53.63 24.18
CA GLU A 237 -16.69 -54.87 24.35
C GLU A 237 -16.78 -55.33 25.80
N THR A 238 -15.76 -55.05 26.59
CA THR A 238 -15.76 -55.45 27.99
C THR A 238 -16.97 -54.93 28.77
N TRP A 239 -17.34 -53.67 28.53
CA TRP A 239 -18.43 -53.04 29.28
C TRP A 239 -19.72 -52.84 28.46
N CYS A 240 -19.59 -52.76 27.14
CA CYS A 240 -20.65 -52.37 26.25
C CYS A 240 -21.24 -53.53 25.47
N SER A 241 -22.56 -53.52 25.32
CA SER A 241 -23.33 -54.55 24.66
C SER A 241 -23.03 -54.65 23.19
N ASP A 242 -23.27 -55.84 22.63
CA ASP A 242 -23.10 -56.06 21.19
C ASP A 242 -24.03 -55.14 20.39
N GLU A 243 -25.27 -54.93 20.90
CA GLU A 243 -26.32 -54.14 20.25
C GLU A 243 -25.95 -52.66 20.08
N THR A 244 -25.10 -52.12 20.96
CA THR A 244 -24.67 -50.72 20.82
C THR A 244 -23.47 -50.53 19.91
N LEU A 245 -22.81 -51.61 19.47
CA LEU A 245 -21.64 -51.47 18.57
C LEU A 245 -21.96 -50.71 17.27
N LYS A 246 -23.13 -50.96 16.67
CA LYS A 246 -23.50 -50.28 15.43
C LYS A 246 -23.59 -48.76 15.58
N ASP A 247 -23.82 -48.26 16.80
CA ASP A 247 -23.90 -46.83 17.05
C ASP A 247 -22.53 -46.21 17.40
N ALA A 248 -21.56 -47.01 17.82
CA ALA A 248 -20.24 -46.55 18.25
C ALA A 248 -19.54 -45.68 17.26
N ARG A 249 -19.19 -44.48 17.72
CA ARG A 249 -18.45 -43.55 16.91
C ARG A 249 -16.93 -43.94 16.97
N THR A 250 -16.45 -44.44 18.09
CA THR A 250 -15.05 -44.86 18.27
C THR A 250 -15.04 -46.10 19.16
N ILE A 251 -14.10 -46.98 18.92
CA ILE A 251 -13.92 -48.21 19.64
C ILE A 251 -12.60 -48.13 20.38
N ASP A 252 -12.57 -48.64 21.59
CA ASP A 252 -11.41 -48.79 22.42
C ASP A 252 -11.28 -50.30 22.64
N LEU A 253 -10.05 -50.83 22.58
CA LEU A 253 -9.83 -52.25 22.75
C LEU A 253 -9.44 -52.48 24.19
N CYS A 254 -10.30 -52.07 25.14
CA CYS A 254 -9.94 -52.17 26.54
C CYS A 254 -9.88 -53.61 27.03
N ASN A 255 -9.05 -53.82 28.06
CA ASN A 255 -8.83 -55.13 28.64
CA ASN A 255 -8.80 -55.10 28.72
C ASN A 255 -10.12 -55.74 29.16
N ASN A 256 -10.27 -57.05 28.98
CA ASN A 256 -11.43 -57.79 29.45
C ASN A 256 -10.90 -58.63 30.60
N PRO A 257 -11.20 -58.25 31.84
CA PRO A 257 -10.64 -58.98 33.00
C PRO A 257 -11.14 -60.41 33.17
N MET A 258 -12.27 -60.74 32.53
CA MET A 258 -12.88 -62.05 32.57
C MET A 258 -12.24 -63.02 31.56
N THR A 259 -11.95 -62.55 30.32
CA THR A 259 -11.39 -63.42 29.30
C THR A 259 -9.88 -63.34 29.17
N LYS A 260 -9.29 -62.18 29.48
CA LYS A 260 -7.86 -61.96 29.32
C LYS A 260 -7.37 -62.25 27.87
N GLU A 261 -8.26 -62.09 26.87
CA GLU A 261 -7.95 -62.29 25.45
C GLU A 261 -6.86 -61.30 25.02
N PRO A 262 -5.85 -61.72 24.22
CA PRO A 262 -4.80 -60.78 23.83
C PRO A 262 -5.30 -59.61 22.98
N LYS A 263 -4.52 -58.52 22.99
CA LYS A 263 -4.79 -57.26 22.32
C LYS A 263 -5.07 -57.36 20.81
N LEU A 264 -4.15 -57.98 20.04
CA LEU A 264 -4.31 -58.15 18.60
C LEU A 264 -5.47 -59.08 18.28
N ASP A 265 -5.75 -60.08 19.15
CA ASP A 265 -6.86 -61.00 18.90
C ASP A 265 -8.20 -60.25 19.03
N ARG A 266 -8.29 -59.33 20.03
CA ARG A 266 -9.48 -58.47 20.27
C ARG A 266 -9.65 -57.59 19.03
N ALA A 267 -8.58 -56.95 18.58
CA ALA A 267 -8.62 -56.08 17.42
C ALA A 267 -9.19 -56.79 16.16
N ARG A 268 -8.62 -57.96 15.79
CA ARG A 268 -9.05 -58.68 14.62
C ARG A 268 -10.47 -59.19 14.75
N ARG A 269 -10.82 -59.76 15.89
CA ARG A 269 -12.15 -60.33 16.09
C ARG A 269 -13.28 -59.29 16.09
N GLN A 270 -13.07 -58.18 16.81
CA GLN A 270 -14.09 -57.17 16.98
C GLN A 270 -14.26 -56.23 15.81
N VAL A 271 -13.15 -55.83 15.18
CA VAL A 271 -13.18 -54.78 14.17
C VAL A 271 -12.85 -55.28 12.77
N PRO A 272 -13.87 -55.46 11.90
CA PRO A 272 -13.60 -56.00 10.55
C PRO A 272 -12.61 -55.20 9.69
N GLU A 273 -12.64 -53.89 9.80
CA GLU A 273 -11.75 -53.05 9.00
C GLU A 273 -10.33 -52.89 9.59
N TRP A 274 -10.04 -53.50 10.74
CA TRP A 274 -8.73 -53.42 11.41
C TRP A 274 -7.63 -53.93 10.49
N THR A 275 -7.80 -55.14 9.94
CA THR A 275 -6.82 -55.74 9.05
C THR A 275 -6.67 -54.92 7.81
N LYS A 276 -7.73 -54.27 7.31
CA LYS A 276 -7.65 -53.43 6.14
C LYS A 276 -6.70 -52.27 6.38
N TYR A 277 -6.81 -51.59 7.54
CA TYR A 277 -5.91 -50.49 7.87
C TYR A 277 -4.48 -51.02 8.07
N ASP A 278 -4.33 -52.16 8.77
CA ASP A 278 -3.04 -52.76 9.06
C ASP A 278 -2.30 -53.11 7.77
N GLU A 279 -2.97 -53.78 6.83
CA GLU A 279 -2.43 -54.15 5.53
C GLU A 279 -2.11 -52.92 4.65
N GLU A 280 -2.92 -51.86 4.75
CA GLU A 280 -2.74 -50.61 4.02
C GLU A 280 -1.49 -49.87 4.51
N ILE A 281 -1.26 -49.88 5.81
CA ILE A 281 -0.08 -49.23 6.40
C ILE A 281 1.19 -50.04 6.07
N ALA A 282 1.09 -51.38 6.04
CA ALA A 282 2.19 -52.26 5.67
C ALA A 282 2.51 -52.10 4.17
N GLU A 283 1.48 -51.88 3.32
CA GLU A 283 1.66 -51.62 1.89
C GLU A 283 2.41 -50.29 1.71
N LEU A 284 2.06 -49.26 2.51
CA LEU A 284 2.73 -47.96 2.46
C LEU A 284 4.19 -48.12 2.90
N ALA A 285 4.47 -48.96 3.90
CA ALA A 285 5.82 -49.19 4.38
C ALA A 285 6.71 -49.81 3.28
N ARG A 286 6.18 -50.80 2.53
CA ARG A 286 6.89 -51.44 1.43
C ARG A 286 7.09 -50.49 0.25
N ARG A 287 6.15 -49.56 0.03
CA ARG A 287 6.23 -48.59 -1.04
C ARG A 287 7.33 -47.55 -0.75
N VAL A 288 7.52 -47.20 0.52
CA VAL A 288 8.54 -46.26 0.98
C VAL A 288 9.94 -46.89 0.87
N ARG A 289 10.03 -48.21 1.17
CA ARG A 289 11.28 -48.98 1.08
C ARG A 289 11.85 -49.07 -0.35
N GLU A 290 11.04 -48.80 -1.37
CA GLU A 290 11.47 -48.82 -2.77
C GLU A 290 11.91 -47.40 -3.18
N GLU B 13 11.52 -9.87 -2.66
CA GLU B 13 11.13 -8.85 -3.62
C GLU B 13 10.49 -7.60 -2.94
N HIS B 14 9.84 -7.82 -1.77
CA HIS B 14 9.16 -6.82 -0.93
C HIS B 14 7.91 -6.20 -1.53
N ALA B 15 7.39 -6.70 -2.67
CA ALA B 15 6.17 -6.21 -3.33
C ALA B 15 6.41 -4.94 -4.19
N GLU B 16 5.46 -4.65 -5.12
CA GLU B 16 5.55 -3.54 -6.05
C GLU B 16 5.40 -2.20 -5.34
N ILE B 17 4.50 -2.14 -4.35
CA ILE B 17 4.22 -0.94 -3.57
C ILE B 17 4.61 -1.20 -2.12
N ASN B 18 5.58 -0.43 -1.64
CA ASN B 18 6.01 -0.54 -0.27
C ASN B 18 5.68 0.75 0.40
N ILE B 19 4.84 0.70 1.45
CA ILE B 19 4.43 1.89 2.18
C ILE B 19 4.82 1.84 3.66
N PHE B 20 5.35 2.95 4.22
CA PHE B 20 5.60 3.01 5.65
C PHE B 20 4.78 4.10 6.32
N SER B 21 4.53 3.94 7.60
CA SER B 21 3.78 4.92 8.38
C SER B 21 4.06 4.77 9.86
N VAL B 22 3.63 5.76 10.62
CA VAL B 22 3.78 5.81 12.06
C VAL B 22 2.44 6.23 12.68
N ALA B 23 2.06 5.54 13.77
CA ALA B 23 0.83 5.80 14.48
C ALA B 23 1.05 5.67 15.99
N SER B 24 0.76 6.73 16.71
CA SER B 24 0.88 6.77 18.16
C SER B 24 -0.45 7.24 18.74
N GLY B 25 -1.21 6.30 19.25
CA GLY B 25 -2.52 6.59 19.80
C GLY B 25 -3.55 5.74 19.11
N HIS B 26 -4.59 5.39 19.85
CA HIS B 26 -5.67 4.52 19.37
C HIS B 26 -6.44 5.14 18.25
N LEU B 27 -6.54 6.47 18.20
CA LEU B 27 -7.24 7.19 17.15
C LEU B 27 -6.43 7.14 15.85
N TYR B 28 -5.11 7.30 15.94
CA TYR B 28 -4.25 7.24 14.77
C TYR B 28 -4.10 5.84 14.28
N GLU B 29 -4.09 4.86 15.18
CA GLU B 29 -4.09 3.44 14.86
C GLU B 29 -5.39 3.05 14.16
N ARG B 30 -6.51 3.59 14.59
CA ARG B 30 -7.80 3.40 13.98
C ARG B 30 -7.80 3.98 12.56
N MET B 31 -7.21 5.16 12.37
CA MET B 31 -7.11 5.76 11.04
C MET B 31 -6.07 5.05 10.18
N LEU B 32 -5.11 4.32 10.80
CA LEU B 32 -4.08 3.64 10.05
C LEU B 32 -4.65 2.41 9.34
N ASN B 33 -5.60 1.71 9.99
CA ASN B 33 -6.26 0.58 9.32
C ASN B 33 -7.09 1.08 8.14
N ILE B 34 -7.70 2.27 8.27
CA ILE B 34 -8.50 2.87 7.22
C ILE B 34 -7.61 3.29 6.04
N MET B 35 -6.43 3.87 6.34
CA MET B 35 -5.46 4.25 5.31
C MET B 35 -5.06 3.02 4.51
N MET B 36 -4.70 1.96 5.21
CA MET B 36 -4.29 0.69 4.61
C MET B 36 -5.40 0.15 3.71
N ALA B 37 -6.64 0.11 4.22
CA ALA B 37 -7.78 -0.33 3.46
C ALA B 37 -7.97 0.47 2.16
N SER B 38 -7.94 1.82 2.24
CA SER B 38 -8.13 2.69 1.09
C SER B 38 -7.09 2.42 0.01
N VAL B 39 -5.83 2.14 0.43
CA VAL B 39 -4.74 1.80 -0.48
C VAL B 39 -5.15 0.58 -1.33
N MET B 40 -5.57 -0.50 -0.66
CA MET B 40 -5.96 -1.79 -1.20
C MET B 40 -7.17 -1.72 -2.08
N HIS B 41 -8.15 -0.88 -1.75
CA HIS B 41 -9.35 -0.74 -2.57
CA HIS B 41 -9.34 -0.75 -2.59
C HIS B 41 -9.04 -0.05 -3.91
N HIS B 42 -7.88 0.64 -4.02
CA HIS B 42 -7.54 1.36 -5.22
C HIS B 42 -6.33 0.83 -5.96
N THR B 43 -5.90 -0.40 -5.67
CA THR B 43 -4.78 -1.02 -6.36
C THR B 43 -5.01 -2.53 -6.54
N ASN B 44 -4.44 -3.08 -7.62
CA ASN B 44 -4.41 -4.52 -7.92
C ASN B 44 -2.94 -5.04 -7.86
N HIS B 45 -1.96 -4.18 -7.48
CA HIS B 45 -0.55 -4.52 -7.37
C HIS B 45 -0.20 -5.11 -6.00
N THR B 46 0.96 -5.77 -5.90
CA THR B 46 1.41 -6.30 -4.62
C THR B 46 1.77 -5.11 -3.70
N VAL B 47 1.28 -5.16 -2.44
CA VAL B 47 1.49 -4.14 -1.42
C VAL B 47 2.10 -4.74 -0.14
N LYS B 48 3.07 -4.04 0.44
CA LYS B 48 3.68 -4.39 1.70
C LYS B 48 3.71 -3.11 2.56
N PHE B 49 3.16 -3.17 3.77
CA PHE B 49 3.15 -2.06 4.71
C PHE B 49 4.23 -2.26 5.76
N TRP B 50 5.01 -1.21 6.07
CA TRP B 50 6.10 -1.29 7.05
C TRP B 50 5.77 -0.39 8.24
N PHE B 51 5.77 -0.94 9.48
CA PHE B 51 5.35 -0.17 10.67
C PHE B 51 6.46 0.17 11.62
N ILE B 52 6.48 1.41 12.14
CA ILE B 52 7.49 1.82 13.15
C ILE B 52 6.93 1.26 14.45
N GLU B 53 7.24 -0.01 14.73
CA GLU B 53 6.74 -0.89 15.78
C GLU B 53 6.62 -0.32 17.21
N GLN B 54 7.65 0.35 17.74
CA GLN B 54 7.68 0.79 19.14
C GLN B 54 6.51 1.72 19.59
N PHE B 55 5.88 2.40 18.65
CA PHE B 55 4.76 3.29 18.93
C PHE B 55 3.40 2.61 18.98
N LEU B 56 3.31 1.44 18.36
CA LEU B 56 2.10 0.66 18.26
C LEU B 56 1.75 -0.06 19.57
N SER B 57 0.43 -0.11 19.81
CA SER B 57 -0.23 -0.75 20.91
C SER B 57 -0.20 -2.26 20.71
N PRO B 58 -0.20 -3.05 21.80
CA PRO B 58 -0.24 -4.51 21.63
C PRO B 58 -1.47 -5.00 20.84
N SER B 59 -2.67 -4.40 21.01
CA SER B 59 -3.86 -4.81 20.23
C SER B 59 -3.65 -4.57 18.71
N PHE B 60 -3.06 -3.42 18.31
CA PHE B 60 -2.84 -3.14 16.89
C PHE B 60 -1.96 -4.21 16.25
N LYS B 61 -0.83 -4.54 16.91
CA LYS B 61 0.14 -5.54 16.45
C LYS B 61 -0.42 -6.96 16.39
N ASP B 62 -1.54 -7.20 17.05
CA ASP B 62 -2.20 -8.49 17.02
C ASP B 62 -3.30 -8.50 15.92
N PHE B 63 -3.92 -7.34 15.65
CA PHE B 63 -4.95 -7.26 14.62
C PHE B 63 -4.37 -7.19 13.19
N ILE B 64 -3.11 -6.75 13.03
CA ILE B 64 -2.51 -6.59 11.68
C ILE B 64 -2.49 -7.92 10.85
N PRO B 65 -2.20 -9.13 11.42
CA PRO B 65 -2.30 -10.35 10.61
C PRO B 65 -3.68 -10.55 10.00
N HIS B 66 -4.72 -10.10 10.70
CA HIS B 66 -6.09 -10.20 10.24
C HIS B 66 -6.37 -9.24 9.11
N MET B 67 -5.81 -8.01 9.20
CA MET B 67 -5.94 -6.99 8.16
C MET B 67 -5.26 -7.49 6.89
N ALA B 68 -4.05 -8.03 7.02
CA ALA B 68 -3.25 -8.56 5.93
C ALA B 68 -3.94 -9.69 5.20
N ALA B 69 -4.60 -10.59 5.93
CA ALA B 69 -5.29 -11.72 5.32
C ALA B 69 -6.60 -11.29 4.64
N GLU B 70 -7.24 -10.25 5.15
CA GLU B 70 -8.49 -9.76 4.62
C GLU B 70 -8.28 -8.89 3.37
N TYR B 71 -7.22 -8.09 3.38
CA TYR B 71 -6.95 -7.15 2.29
C TYR B 71 -5.84 -7.57 1.33
N GLY B 72 -5.17 -8.67 1.59
CA GLY B 72 -4.16 -9.20 0.70
C GLY B 72 -2.92 -8.34 0.57
N PHE B 73 -2.28 -8.05 1.69
CA PHE B 73 -1.04 -7.29 1.68
C PHE B 73 -0.04 -7.93 2.64
N LYS B 74 1.24 -7.75 2.39
CA LYS B 74 2.27 -8.24 3.30
C LYS B 74 2.56 -7.12 4.32
N TYR B 75 3.23 -7.47 5.43
CA TYR B 75 3.58 -6.50 6.44
C TYR B 75 4.91 -6.81 7.11
N GLU B 76 5.53 -5.80 7.73
CA GLU B 76 6.77 -5.98 8.45
C GLU B 76 6.95 -4.91 9.50
N MET B 77 7.31 -5.34 10.73
CA MET B 77 7.53 -4.46 11.88
C MET B 77 9.01 -4.07 11.93
N VAL B 78 9.33 -2.76 11.99
CA VAL B 78 10.72 -2.35 12.09
C VAL B 78 10.94 -1.60 13.42
N THR B 79 11.95 -2.02 14.20
CA THR B 79 12.26 -1.41 15.50
C THR B 79 13.71 -0.91 15.46
N TYR B 80 13.96 0.31 14.95
CA TYR B 80 15.29 0.88 14.89
C TYR B 80 15.55 1.70 16.14
N LYS B 81 16.76 1.65 16.71
CA LYS B 81 17.05 2.41 17.93
C LYS B 81 17.73 3.72 17.67
N TRP B 82 17.25 4.82 18.28
CA TRP B 82 17.83 6.17 18.14
C TRP B 82 19.31 6.12 18.58
N PRO B 83 20.24 6.45 17.67
CA PRO B 83 21.67 6.39 18.02
C PRO B 83 22.00 7.33 19.18
N HIS B 84 22.80 6.87 20.16
CA HIS B 84 23.17 7.65 21.34
C HIS B 84 23.86 8.96 21.04
N TRP B 85 24.54 9.06 19.91
CA TRP B 85 25.22 10.31 19.53
C TRP B 85 24.19 11.34 19.04
N LEU B 86 23.11 10.86 18.41
CA LEU B 86 22.10 11.72 17.82
C LEU B 86 21.22 12.39 18.87
N ARG B 87 21.13 13.74 18.80
CA ARG B 87 20.35 14.55 19.73
C ARG B 87 18.90 14.07 19.83
N GLN B 88 18.51 13.72 21.06
CA GLN B 88 17.19 13.19 21.40
CA GLN B 88 17.19 13.19 21.44
C GLN B 88 16.07 14.23 21.30
N GLN B 89 14.82 13.77 21.17
CA GLN B 89 13.63 14.61 21.14
C GLN B 89 12.78 14.17 22.34
N LYS B 90 12.74 14.95 23.45
CA LYS B 90 11.94 14.53 24.63
C LYS B 90 10.40 14.58 24.39
N GLU B 91 9.92 15.45 23.46
CA GLU B 91 8.50 15.48 23.09
C GLU B 91 8.24 14.26 22.19
N LYS B 92 7.30 13.39 22.55
CA LYS B 92 7.00 12.21 21.74
C LYS B 92 6.61 12.55 20.31
N GLN B 93 5.89 13.65 20.08
CA GLN B 93 5.49 14.09 18.74
C GLN B 93 6.72 14.34 17.87
N ARG B 94 7.72 15.02 18.44
CA ARG B 94 8.98 15.30 17.77
C ARG B 94 9.83 14.05 17.57
N GLU B 95 9.80 13.09 18.52
CA GLU B 95 10.52 11.83 18.40
C GLU B 95 10.02 11.05 17.18
N ILE B 96 8.66 10.94 17.03
CA ILE B 96 7.93 10.29 15.94
C ILE B 96 8.24 10.95 14.60
N TRP B 97 8.39 12.27 14.60
CA TRP B 97 8.78 12.99 13.37
C TRP B 97 10.23 12.64 12.99
N GLY B 98 11.08 12.33 13.99
CA GLY B 98 12.45 11.91 13.79
C GLY B 98 12.47 10.60 13.04
N TYR B 99 11.60 9.68 13.45
CA TYR B 99 11.47 8.38 12.82
C TYR B 99 10.95 8.45 11.38
N LYS B 100 10.27 9.53 11.02
CA LYS B 100 9.76 9.72 9.66
C LYS B 100 10.89 10.05 8.70
N ILE B 101 11.73 11.03 9.08
CA ILE B 101 12.72 11.59 8.18
C ILE B 101 14.23 11.33 8.47
N LEU B 102 14.60 10.82 9.64
CA LEU B 102 16.01 10.67 9.99
C LEU B 102 16.66 9.35 9.66
N PHE B 103 15.89 8.24 9.57
CA PHE B 103 16.45 6.91 9.42
C PHE B 103 15.99 6.22 8.14
N LEU B 104 15.75 6.97 7.09
CA LEU B 104 15.25 6.40 5.84
C LEU B 104 16.17 5.36 5.22
N ASP B 105 17.49 5.48 5.42
CA ASP B 105 18.50 4.56 4.93
C ASP B 105 18.69 3.31 5.81
N VAL B 106 18.43 3.37 7.13
CA VAL B 106 18.63 2.22 8.03
C VAL B 106 17.35 1.50 8.48
N LEU B 107 16.17 2.06 8.20
CA LEU B 107 14.92 1.43 8.61
C LEU B 107 14.57 0.23 7.73
N PHE B 108 15.01 0.25 6.48
CA PHE B 108 14.65 -0.77 5.52
C PHE B 108 15.86 -1.59 5.02
N PRO B 109 15.61 -2.80 4.46
CA PRO B 109 16.73 -3.60 3.93
C PRO B 109 17.28 -3.02 2.64
N LEU B 110 18.57 -3.31 2.33
CA LEU B 110 19.21 -2.85 1.08
C LEU B 110 18.49 -3.40 -0.15
N SER B 111 17.85 -4.54 -0.02
CA SER B 111 17.11 -5.15 -1.10
C SER B 111 15.77 -4.41 -1.42
N LEU B 112 15.47 -3.28 -0.71
CA LEU B 112 14.28 -2.47 -0.96
C LEU B 112 14.73 -1.24 -1.71
N ASP B 113 14.27 -1.07 -2.94
CA ASP B 113 14.70 0.04 -3.77
CA ASP B 113 14.71 0.05 -3.77
C ASP B 113 13.94 1.34 -3.56
N LYS B 114 12.67 1.25 -3.13
CA LYS B 114 11.86 2.44 -2.99
C LYS B 114 10.70 2.18 -2.03
N VAL B 115 10.47 3.13 -1.10
CA VAL B 115 9.38 3.08 -0.12
C VAL B 115 8.61 4.41 -0.15
N ILE B 116 7.34 4.40 0.26
CA ILE B 116 6.54 5.61 0.30
C ILE B 116 5.99 5.84 1.72
N PHE B 117 6.16 7.05 2.31
CA PHE B 117 5.52 7.34 3.58
C PHE B 117 4.09 7.82 3.25
N VAL B 118 3.10 7.27 3.92
CA VAL B 118 1.72 7.69 3.77
C VAL B 118 1.24 7.88 5.19
N ASP B 119 0.71 9.07 5.47
CA ASP B 119 0.29 9.41 6.81
C ASP B 119 -0.85 8.57 7.32
N ALA B 120 -0.79 8.21 8.63
CA ALA B 120 -1.77 7.36 9.29
C ALA B 120 -3.20 7.86 9.10
N ASP B 121 -3.37 9.18 9.10
CA ASP B 121 -4.69 9.80 8.94
C ASP B 121 -5.13 9.97 7.50
N GLN B 122 -4.39 9.45 6.54
CA GLN B 122 -4.72 9.61 5.13
C GLN B 122 -5.82 8.70 4.58
N ILE B 123 -6.45 9.17 3.49
CA ILE B 123 -7.39 8.42 2.70
C ILE B 123 -6.85 8.45 1.27
N VAL B 124 -6.64 7.27 0.67
CA VAL B 124 -6.14 7.08 -0.67
C VAL B 124 -7.28 6.81 -1.63
N ARG B 125 -7.28 7.55 -2.75
CA ARG B 125 -8.26 7.49 -3.84
C ARG B 125 -7.55 7.25 -5.18
N THR B 126 -6.36 6.62 -5.17
CA THR B 126 -5.53 6.41 -6.36
C THR B 126 -4.75 5.09 -6.30
N ASP B 127 -4.23 4.65 -7.45
CA ASP B 127 -3.35 3.50 -7.48
C ASP B 127 -1.99 4.03 -7.02
N MET B 128 -1.55 3.61 -5.84
CA MET B 128 -0.26 4.03 -5.30
C MET B 128 0.95 3.59 -6.13
N TYR B 129 0.75 2.67 -7.07
CA TYR B 129 1.81 2.27 -7.99
C TYR B 129 2.20 3.47 -8.92
N ASP B 130 1.25 4.41 -9.20
CA ASP B 130 1.53 5.61 -10.01
C ASP B 130 2.61 6.50 -9.33
N LEU B 131 2.73 6.42 -7.98
CA LEU B 131 3.75 7.20 -7.30
C LEU B 131 5.11 6.49 -7.43
N VAL B 132 5.10 5.15 -7.39
CA VAL B 132 6.29 4.31 -7.58
C VAL B 132 6.87 4.62 -8.97
N GLU B 133 5.99 4.69 -9.99
CA GLU B 133 6.43 5.00 -11.37
C GLU B 133 6.64 6.47 -11.66
N HIS B 134 6.36 7.37 -10.72
CA HIS B 134 6.55 8.79 -10.94
C HIS B 134 8.03 9.10 -11.13
N PRO B 135 8.38 9.75 -12.25
CA PRO B 135 9.78 10.08 -12.48
C PRO B 135 10.31 11.10 -11.48
N LEU B 136 11.39 10.76 -10.80
CA LEU B 136 12.00 11.66 -9.82
C LEU B 136 13.12 12.52 -10.38
N ASP B 137 13.60 12.24 -11.65
CA ASP B 137 14.67 13.03 -12.27
C ASP B 137 15.96 13.09 -11.43
N GLY B 138 16.31 11.96 -10.80
CA GLY B 138 17.51 11.85 -10.00
C GLY B 138 17.38 12.27 -8.55
N ALA B 139 16.20 12.78 -8.16
CA ALA B 139 16.00 13.21 -6.78
C ALA B 139 15.86 11.99 -5.85
N PRO B 140 16.49 12.04 -4.66
CA PRO B 140 16.38 10.92 -3.70
C PRO B 140 14.98 10.74 -3.11
N TYR B 141 14.16 11.82 -3.14
CA TYR B 141 12.77 11.79 -2.65
C TYR B 141 11.89 12.85 -3.33
N GLY B 142 10.59 12.56 -3.34
CA GLY B 142 9.54 13.40 -3.88
C GLY B 142 8.48 13.76 -2.84
N PHE B 143 8.24 15.07 -2.64
CA PHE B 143 7.21 15.56 -1.71
C PHE B 143 6.23 16.47 -2.46
N ALA B 144 4.94 16.45 -2.10
CA ALA B 144 3.96 17.36 -2.70
C ALA B 144 4.07 18.75 -1.99
N PRO B 145 3.85 19.84 -2.74
CA PRO B 145 3.94 21.18 -2.13
C PRO B 145 2.67 21.53 -1.34
N MET B 146 2.76 22.53 -0.48
CA MET B 146 1.61 23.02 0.26
C MET B 146 0.70 23.75 -0.73
N CYS B 147 -0.63 23.53 -0.64
CA CYS B 147 -1.55 24.21 -1.56
C CYS B 147 -1.54 25.72 -1.37
N ASP B 148 -1.82 26.47 -2.44
CA ASP B 148 -2.03 27.92 -2.38
C ASP B 148 -3.46 28.30 -2.79
N SER B 149 -4.32 27.33 -3.21
CA SER B 149 -5.69 27.59 -3.69
C SER B 149 -6.70 28.15 -2.67
N ARG B 150 -6.66 27.76 -1.38
CA ARG B 150 -7.59 28.34 -0.39
C ARG B 150 -7.03 29.68 0.07
N VAL B 151 -7.43 30.78 -0.59
CA VAL B 151 -6.92 32.14 -0.37
C VAL B 151 -7.25 32.68 1.01
N GLU B 152 -8.36 32.23 1.61
CA GLU B 152 -8.76 32.71 2.93
C GLU B 152 -7.76 32.33 4.04
N MET B 153 -6.95 31.29 3.80
CA MET B 153 -5.98 30.81 4.77
C MET B 153 -4.57 31.40 4.66
N GLU B 154 -4.40 32.37 3.75
CA GLU B 154 -3.12 33.00 3.42
C GLU B 154 -2.31 33.49 4.62
N GLY B 155 -2.97 34.02 5.64
CA GLY B 155 -2.29 34.50 6.84
C GLY B 155 -1.64 33.40 7.66
N TYR B 156 -2.17 32.19 7.56
CA TYR B 156 -1.62 31.03 8.26
C TYR B 156 -0.47 30.33 7.46
N ARG B 157 -0.25 30.74 6.19
CA ARG B 157 0.81 30.23 5.34
C ARG B 157 2.14 30.86 5.75
N PHE B 158 2.68 30.42 6.90
CA PHE B 158 3.92 30.88 7.52
C PHE B 158 5.15 30.86 6.64
N TRP B 159 5.12 30.05 5.56
CA TRP B 159 6.22 29.86 4.62
C TRP B 159 6.23 30.87 3.49
N LYS B 160 5.09 31.56 3.25
CA LYS B 160 4.95 32.58 2.21
C LYS B 160 5.56 33.95 2.61
N THR B 161 5.90 34.15 3.89
CA THR B 161 6.50 35.38 4.41
C THR B 161 7.64 35.06 5.46
N GLY B 162 8.39 36.08 5.85
CA GLY B 162 9.39 35.96 6.91
C GLY B 162 10.60 35.10 6.60
N TYR B 163 10.92 34.20 7.54
CA TYR B 163 12.08 33.33 7.42
C TYR B 163 12.02 32.45 6.17
N TRP B 164 10.88 31.75 5.96
CA TRP B 164 10.78 30.81 4.86
C TRP B 164 10.74 31.44 3.49
N ALA B 165 10.06 32.58 3.28
CA ALA B 165 10.04 33.16 1.93
C ALA B 165 11.43 33.62 1.51
N ASN B 166 12.22 34.14 2.46
CA ASN B 166 13.58 34.57 2.17
C ASN B 166 14.45 33.35 1.90
N TYR B 167 14.37 32.34 2.76
CA TYR B 167 15.16 31.11 2.62
C TYR B 167 14.88 30.33 1.33
N LEU B 168 13.60 30.04 1.04
CA LEU B 168 13.18 29.22 -0.10
C LEU B 168 13.49 29.82 -1.45
N LYS B 169 13.52 31.15 -1.57
CA LYS B 169 13.79 31.85 -2.84
C LYS B 169 12.85 31.37 -3.97
N GLY B 170 11.55 31.36 -3.73
CA GLY B 170 10.56 30.93 -4.74
C GLY B 170 10.36 29.42 -4.85
N LYS B 171 11.29 28.63 -4.25
CA LYS B 171 11.23 27.17 -4.16
C LYS B 171 9.99 26.86 -3.32
N PRO B 172 9.28 25.78 -3.66
CA PRO B 172 8.10 25.44 -2.90
C PRO B 172 8.44 24.92 -1.50
N TYR B 173 7.45 25.03 -0.60
CA TYR B 173 7.51 24.51 0.75
C TYR B 173 6.59 23.29 0.72
N HIS B 174 7.20 22.15 0.86
CA HIS B 174 6.53 20.88 0.75
C HIS B 174 5.94 20.41 2.07
N ILE B 175 4.87 19.64 1.97
CA ILE B 175 4.24 19.07 3.14
C ILE B 175 4.81 17.65 3.30
N SER B 176 5.03 17.19 4.52
CA SER B 176 5.61 15.86 4.76
C SER B 176 4.58 14.75 5.05
N ALA B 177 3.33 14.93 4.67
CA ALA B 177 2.31 13.92 4.90
C ALA B 177 2.42 12.75 3.95
N LEU B 178 2.87 12.99 2.74
CA LEU B 178 3.09 11.97 1.74
C LEU B 178 4.48 12.24 1.10
N TYR B 179 5.27 11.20 0.91
CA TYR B 179 6.55 11.33 0.23
C TYR B 179 7.06 9.99 -0.30
N VAL B 180 7.63 10.00 -1.51
CA VAL B 180 8.18 8.80 -2.12
C VAL B 180 9.70 8.86 -1.97
N VAL B 181 10.31 7.81 -1.45
CA VAL B 181 11.76 7.75 -1.27
C VAL B 181 12.39 6.71 -2.20
N ASP B 182 13.16 7.14 -3.20
CA ASP B 182 13.95 6.26 -4.06
C ASP B 182 15.17 5.93 -3.17
N LEU B 183 15.06 4.83 -2.42
CA LEU B 183 16.06 4.44 -1.46
C LEU B 183 17.40 4.14 -2.11
N GLN B 184 17.39 3.53 -3.34
CA GLN B 184 18.63 3.30 -4.10
C GLN B 184 19.39 4.61 -4.24
N ARG B 185 18.70 5.70 -4.70
CA ARG B 185 19.27 7.03 -4.90
C ARG B 185 19.68 7.73 -3.61
N PHE B 186 18.83 7.61 -2.58
CA PHE B 186 19.05 8.17 -1.24
C PHE B 186 20.36 7.60 -0.65
N ARG B 187 20.59 6.31 -0.86
CA ARG B 187 21.78 5.64 -0.41
C ARG B 187 22.97 6.15 -1.19
N GLU B 188 22.85 6.22 -2.55
CA GLU B 188 23.90 6.74 -3.44
C GLU B 188 24.35 8.12 -3.04
N LEU B 189 23.42 8.95 -2.56
CA LEU B 189 23.74 10.31 -2.17
C LEU B 189 24.09 10.45 -0.69
N ALA B 190 24.11 9.33 0.10
CA ALA B 190 24.35 9.33 1.55
C ALA B 190 23.42 10.34 2.25
N ALA B 191 22.16 10.44 1.75
CA ALA B 191 21.22 11.42 2.26
C ALA B 191 20.87 11.21 3.72
N GLY B 192 20.85 9.97 4.17
CA GLY B 192 20.58 9.63 5.56
C GLY B 192 21.60 10.26 6.48
N ASP B 193 22.90 10.03 6.21
CA ASP B 193 23.99 10.61 7.02
C ASP B 193 23.96 12.14 7.01
N ARG B 194 23.80 12.75 5.83
CA ARG B 194 23.74 14.20 5.73
C ARG B 194 22.51 14.80 6.46
N LEU B 195 21.32 14.21 6.31
CA LEU B 195 20.12 14.67 7.03
C LEU B 195 20.34 14.52 8.55
N ARG B 196 20.88 13.37 9.02
CA ARG B 196 21.11 13.18 10.45
C ARG B 196 22.12 14.15 11.01
N GLN B 197 23.16 14.48 10.24
CA GLN B 197 24.18 15.41 10.70
C GLN B 197 23.63 16.81 10.73
N GLN B 198 22.89 17.21 9.67
CA GLN B 198 22.27 18.54 9.61
C GLN B 198 21.28 18.72 10.70
N TYR B 199 20.46 17.70 10.96
CA TYR B 199 19.51 17.75 12.07
C TYR B 199 20.25 17.92 13.40
N HIS B 200 21.39 17.24 13.60
CA HIS B 200 22.10 17.30 14.87
C HIS B 200 22.68 18.67 15.11
N ALA B 201 23.20 19.32 14.07
CA ALA B 201 23.74 20.66 14.20
C ALA B 201 22.59 21.65 14.43
N LEU B 202 21.52 21.55 13.60
CA LEU B 202 20.37 22.45 13.68
C LEU B 202 19.65 22.32 15.01
N SER B 203 19.35 21.10 15.43
CA SER B 203 18.57 20.85 16.64
C SER B 203 19.17 21.40 17.92
N ALA B 204 20.45 21.85 17.89
CA ALA B 204 21.10 22.46 19.06
C ALA B 204 20.34 23.73 19.52
N ASP B 205 19.73 24.46 18.56
CA ASP B 205 18.87 25.61 18.83
C ASP B 205 17.46 25.00 18.95
N PRO B 206 16.90 25.02 20.18
CA PRO B 206 15.56 24.42 20.40
C PRO B 206 14.41 25.12 19.67
N ASN B 207 14.65 26.33 19.17
CA ASN B 207 13.69 27.10 18.39
C ASN B 207 13.71 26.70 16.91
N SER B 208 14.77 25.98 16.46
CA SER B 208 14.91 25.51 15.09
C SER B 208 14.06 24.22 14.83
N LEU B 209 13.68 24.00 13.55
CA LEU B 209 12.89 22.84 13.08
C LEU B 209 11.55 22.64 13.82
N ALA B 210 10.69 23.67 13.87
CA ALA B 210 9.38 23.59 14.54
C ALA B 210 8.51 22.38 14.07
N ASN B 211 8.58 22.05 12.79
CA ASN B 211 7.88 20.88 12.26
C ASN B 211 9.01 20.03 11.74
N LEU B 212 9.73 19.39 12.65
CA LEU B 212 10.93 18.59 12.40
C LEU B 212 10.90 17.76 11.08
N ASP B 213 9.84 16.96 10.86
CA ASP B 213 9.72 16.10 9.67
C ASP B 213 9.47 16.84 8.35
N GLN B 214 9.06 18.10 8.42
CA GLN B 214 8.70 18.87 7.25
C GLN B 214 9.72 19.96 6.96
N ASP B 215 10.19 20.62 8.00
CA ASP B 215 11.17 21.69 7.87
C ASP B 215 12.55 21.16 7.47
N LEU B 216 12.91 19.94 7.87
CA LEU B 216 14.24 19.43 7.54
C LEU B 216 14.44 19.16 6.04
N PRO B 217 13.59 18.40 5.30
CA PRO B 217 13.84 18.23 3.87
C PRO B 217 13.63 19.53 3.07
N ASN B 218 12.77 20.42 3.55
CA ASN B 218 12.59 21.73 2.92
C ASN B 218 13.84 22.61 3.10
N HIS B 219 14.52 22.45 4.25
CA HIS B 219 15.75 23.17 4.55
C HIS B 219 16.85 22.68 3.62
N MET B 220 16.97 21.36 3.46
CA MET B 220 18.04 20.74 2.67
C MET B 220 17.81 20.66 1.18
N GLN B 221 16.66 21.08 0.65
CA GLN B 221 16.32 20.91 -0.77
C GLN B 221 17.30 21.58 -1.76
N PHE B 222 18.13 22.51 -1.27
CA PHE B 222 19.16 23.11 -2.14
C PHE B 222 20.34 22.16 -2.40
N THR B 223 20.54 21.15 -1.52
CA THR B 223 21.64 20.20 -1.71
C THR B 223 21.16 18.74 -1.79
N ILE B 224 19.99 18.45 -1.21
CA ILE B 224 19.38 17.12 -1.28
C ILE B 224 18.09 17.33 -2.06
N PRO B 225 18.14 17.14 -3.38
CA PRO B 225 16.98 17.46 -4.21
C PRO B 225 15.64 16.86 -3.79
N ILE B 226 14.57 17.63 -4.01
CA ILE B 226 13.21 17.19 -3.75
C ILE B 226 12.53 17.22 -5.09
N ALA B 227 11.98 16.10 -5.55
CA ALA B 227 11.21 16.12 -6.79
C ALA B 227 9.82 16.63 -6.34
N THR B 228 9.39 17.83 -6.81
CA THR B 228 8.08 18.37 -6.38
C THR B 228 6.99 17.60 -7.09
N LEU B 229 6.24 16.79 -6.36
CA LEU B 229 5.17 15.98 -6.92
C LEU B 229 4.02 16.84 -7.40
N PRO B 230 3.24 16.38 -8.39
CA PRO B 230 2.02 17.12 -8.79
C PRO B 230 1.15 17.49 -7.58
N GLN B 231 0.46 18.62 -7.64
CA GLN B 231 -0.37 19.05 -6.50
C GLN B 231 -1.44 18.01 -6.09
N GLU B 232 -2.05 17.29 -7.06
CA GLU B 232 -3.09 16.29 -6.75
CA GLU B 232 -3.10 16.30 -6.74
C GLU B 232 -2.64 15.13 -5.85
N TRP B 233 -1.33 14.99 -5.63
CA TRP B 233 -0.85 13.89 -4.80
C TRP B 233 -1.23 14.10 -3.35
N LEU B 234 -1.29 15.36 -2.87
CA LEU B 234 -1.69 15.62 -1.48
C LEU B 234 -2.69 16.76 -1.40
N TRP B 235 -3.96 16.47 -1.02
CA TRP B 235 -5.01 17.48 -0.79
C TRP B 235 -5.39 17.53 0.72
N CYS B 236 -5.37 18.73 1.34
CA CYS B 236 -5.84 19.02 2.71
C CYS B 236 -6.83 20.19 2.60
N GLU B 237 -7.94 20.14 3.35
CA GLU B 237 -8.93 21.20 3.28
C GLU B 237 -8.40 22.50 3.82
N THR B 238 -7.56 22.44 4.86
CA THR B 238 -6.91 23.63 5.43
C THR B 238 -6.25 24.53 4.34
N TRP B 239 -5.48 23.96 3.41
CA TRP B 239 -4.79 24.75 2.38
C TRP B 239 -5.40 24.65 0.96
N CYS B 240 -6.10 23.56 0.66
CA CYS B 240 -6.58 23.31 -0.70
C CYS B 240 -8.08 23.57 -0.91
N SER B 241 -8.38 24.20 -2.04
CA SER B 241 -9.71 24.56 -2.45
C SER B 241 -10.64 23.38 -2.67
N ASP B 242 -11.91 23.64 -2.57
CA ASP B 242 -12.97 22.67 -2.75
C ASP B 242 -12.98 22.14 -4.17
N GLU B 243 -12.75 23.01 -5.18
CA GLU B 243 -12.77 22.55 -6.56
C GLU B 243 -11.62 21.59 -6.94
N THR B 244 -10.54 21.51 -6.12
CA THR B 244 -9.46 20.59 -6.42
C THR B 244 -9.65 19.21 -5.81
N LEU B 245 -10.58 19.02 -4.84
CA LEU B 245 -10.79 17.69 -4.20
C LEU B 245 -11.12 16.55 -5.18
N LYS B 246 -11.87 16.84 -6.25
CA LYS B 246 -12.20 15.82 -7.26
C LYS B 246 -10.92 15.19 -7.88
N ASP B 247 -9.84 15.98 -7.96
CA ASP B 247 -8.58 15.55 -8.54
C ASP B 247 -7.66 14.83 -7.55
N ALA B 248 -7.81 15.10 -6.25
CA ALA B 248 -6.97 14.52 -5.19
C ALA B 248 -6.85 13.03 -5.27
N ARG B 249 -5.60 12.59 -5.37
CA ARG B 249 -5.21 11.20 -5.37
C ARG B 249 -5.19 10.68 -3.93
N THR B 250 -4.77 11.51 -2.98
CA THR B 250 -4.76 11.17 -1.56
C THR B 250 -5.22 12.43 -0.80
N ILE B 251 -5.72 12.22 0.39
CA ILE B 251 -6.25 13.26 1.25
C ILE B 251 -5.54 13.14 2.57
N ASP B 252 -5.14 14.26 3.11
CA ASP B 252 -4.53 14.32 4.41
C ASP B 252 -5.48 15.15 5.28
N LEU B 253 -5.70 14.73 6.54
CA LEU B 253 -6.62 15.44 7.42
C LEU B 253 -5.79 16.34 8.33
N CYS B 254 -5.05 17.29 7.71
CA CYS B 254 -4.20 18.18 8.48
C CYS B 254 -5.02 19.19 9.30
N ASN B 255 -4.38 19.79 10.32
CA ASN B 255 -5.08 20.69 11.23
C ASN B 255 -5.41 22.01 10.60
N ASN B 256 -6.57 22.53 10.98
CA ASN B 256 -7.06 23.81 10.48
C ASN B 256 -6.92 24.78 11.65
N PRO B 257 -5.90 25.65 11.62
CA PRO B 257 -5.69 26.58 12.73
C PRO B 257 -6.87 27.54 12.95
N MET B 258 -7.57 27.89 11.86
CA MET B 258 -8.73 28.76 11.82
C MET B 258 -9.99 28.11 12.44
N THR B 259 -10.24 26.80 12.20
CA THR B 259 -11.45 26.17 12.74
C THR B 259 -11.24 25.30 13.98
N LYS B 260 -10.05 24.73 14.15
CA LYS B 260 -9.73 23.83 15.25
C LYS B 260 -10.67 22.60 15.34
N GLU B 261 -11.48 22.35 14.28
CA GLU B 261 -12.44 21.23 14.15
C GLU B 261 -11.81 19.90 14.54
N PRO B 262 -12.47 19.03 15.32
CA PRO B 262 -11.86 17.76 15.72
C PRO B 262 -11.54 16.86 14.53
N LYS B 263 -10.52 16.00 14.69
CA LYS B 263 -9.96 15.09 13.69
C LYS B 263 -10.98 14.08 13.13
N LEU B 264 -11.72 13.38 13.98
CA LEU B 264 -12.74 12.43 13.54
C LEU B 264 -13.89 13.15 12.84
N ASP B 265 -14.19 14.39 13.26
CA ASP B 265 -15.26 15.16 12.62
C ASP B 265 -14.83 15.62 11.24
N ARG B 266 -13.54 15.91 11.06
CA ARG B 266 -12.95 16.30 9.78
C ARG B 266 -13.06 15.09 8.85
N ALA B 267 -12.69 13.89 9.35
CA ALA B 267 -12.78 12.66 8.59
C ALA B 267 -14.20 12.43 8.02
N ARG B 268 -15.22 12.40 8.89
CA ARG B 268 -16.61 12.19 8.49
C ARG B 268 -17.14 13.25 7.54
N ARG B 269 -16.90 14.55 7.84
CA ARG B 269 -17.42 15.62 7.02
C ARG B 269 -16.86 15.65 5.60
N GLN B 270 -15.51 15.67 5.48
CA GLN B 270 -14.80 15.74 4.23
C GLN B 270 -14.85 14.45 3.40
N VAL B 271 -14.69 13.29 4.05
CA VAL B 271 -14.53 12.04 3.29
C VAL B 271 -15.74 11.12 3.36
N PRO B 272 -16.50 11.02 2.25
CA PRO B 272 -17.71 10.17 2.24
C PRO B 272 -17.50 8.66 2.43
N GLU B 273 -16.34 8.15 2.07
CA GLU B 273 -16.06 6.71 2.21
C GLU B 273 -15.36 6.34 3.54
N TRP B 274 -15.09 7.33 4.40
CA TRP B 274 -14.41 7.15 5.67
C TRP B 274 -15.16 6.20 6.57
N THR B 275 -16.49 6.40 6.69
CA THR B 275 -17.35 5.55 7.50
C THR B 275 -17.49 4.18 6.89
N LYS B 276 -17.45 4.07 5.55
CA LYS B 276 -17.51 2.76 4.89
C LYS B 276 -16.26 1.95 5.30
N TYR B 277 -15.07 2.60 5.29
CA TYR B 277 -13.86 1.91 5.71
C TYR B 277 -13.92 1.60 7.21
N ASP B 278 -14.35 2.57 8.02
CA ASP B 278 -14.45 2.43 9.46
C ASP B 278 -15.37 1.28 9.89
N GLU B 279 -16.57 1.19 9.29
CA GLU B 279 -17.56 0.12 9.52
C GLU B 279 -17.04 -1.22 8.96
N GLU B 280 -16.36 -1.19 7.82
CA GLU B 280 -15.76 -2.37 7.19
C GLU B 280 -14.73 -2.99 8.14
N ILE B 281 -13.86 -2.17 8.74
CA ILE B 281 -12.83 -2.65 9.66
C ILE B 281 -13.45 -3.10 10.99
N ALA B 282 -14.52 -2.42 11.43
CA ALA B 282 -15.29 -2.78 12.63
C ALA B 282 -15.99 -4.13 12.42
N GLU B 283 -16.42 -4.43 11.18
CA GLU B 283 -17.03 -5.70 10.77
C GLU B 283 -15.97 -6.80 10.86
N LEU B 284 -14.75 -6.52 10.40
CA LEU B 284 -13.64 -7.46 10.44
C LEU B 284 -13.24 -7.74 11.88
N ALA B 285 -13.26 -6.72 12.75
CA ALA B 285 -12.94 -6.90 14.16
C ALA B 285 -13.91 -7.88 14.82
N ARG B 286 -15.22 -7.75 14.49
CA ARG B 286 -16.34 -8.57 14.95
C ARG B 286 -16.19 -10.04 14.51
N ARG B 287 -15.96 -10.28 13.21
CA ARG B 287 -15.78 -11.62 12.67
C ARG B 287 -14.55 -12.32 13.26
N VAL B 288 -13.52 -11.56 13.68
CA VAL B 288 -12.29 -12.10 14.26
C VAL B 288 -12.58 -12.77 15.62
N ARG B 289 -13.47 -12.14 16.42
CA ARG B 289 -13.84 -12.66 17.73
C ARG B 289 -14.59 -14.00 17.61
N GLU B 290 -15.46 -14.12 16.60
CA GLU B 290 -16.21 -15.36 16.34
C GLU B 290 -15.24 -16.48 15.97
N GLU C 13 -15.73 29.78 -15.36
CA GLU C 13 -15.67 29.18 -16.69
C GLU C 13 -15.04 30.16 -17.69
N HIS C 14 -13.85 29.80 -18.21
CA HIS C 14 -13.15 30.63 -19.20
C HIS C 14 -13.76 30.44 -20.61
N ALA C 15 -13.10 30.96 -21.65
CA ALA C 15 -13.58 30.82 -23.01
C ALA C 15 -13.34 29.39 -23.60
N GLU C 16 -13.95 29.08 -24.77
CA GLU C 16 -13.77 27.79 -25.42
C GLU C 16 -12.31 27.69 -25.93
N ILE C 17 -11.77 28.78 -26.48
CA ILE C 17 -10.40 28.89 -26.97
C ILE C 17 -9.65 29.86 -26.09
N ASN C 18 -8.53 29.43 -25.53
CA ASN C 18 -7.73 30.29 -24.68
C ASN C 18 -6.35 30.39 -25.27
N ILE C 19 -5.95 31.58 -25.71
CA ILE C 19 -4.65 31.77 -26.33
C ILE C 19 -3.77 32.69 -25.51
N PHE C 20 -2.48 32.36 -25.39
CA PHE C 20 -1.53 33.21 -24.71
C PHE C 20 -0.41 33.58 -25.68
N SER C 21 0.22 34.73 -25.45
CA SER C 21 1.31 35.20 -26.29
C SER C 21 2.20 36.19 -25.52
N VAL C 22 3.41 36.37 -26.04
CA VAL C 22 4.34 37.34 -25.50
C VAL C 22 4.78 38.26 -26.65
N ALA C 23 4.97 39.55 -26.35
CA ALA C 23 5.38 40.53 -27.34
C ALA C 23 6.19 41.63 -26.66
N SER C 24 7.39 41.86 -27.16
CA SER C 24 8.29 42.88 -26.65
C SER C 24 8.75 43.74 -27.81
N GLY C 25 8.14 44.91 -27.92
CA GLY C 25 8.44 45.82 -28.99
C GLY C 25 7.17 46.23 -29.69
N HIS C 26 7.19 47.44 -30.20
CA HIS C 26 6.07 48.08 -30.91
C HIS C 26 5.71 47.35 -32.19
N LEU C 27 6.69 46.73 -32.84
CA LEU C 27 6.47 46.00 -34.08
C LEU C 27 5.77 44.67 -33.78
N TYR C 28 6.20 43.99 -32.70
CA TYR C 28 5.56 42.72 -32.30
C TYR C 28 4.19 42.96 -31.68
N GLU C 29 3.95 44.16 -31.08
CA GLU C 29 2.66 44.56 -30.53
C GLU C 29 1.70 44.93 -31.69
N ARG C 30 2.22 45.57 -32.75
CA ARG C 30 1.44 45.85 -33.95
C ARG C 30 0.98 44.54 -34.59
N MET C 31 1.84 43.51 -34.58
CA MET C 31 1.48 42.21 -35.12
C MET C 31 0.61 41.39 -34.15
N LEU C 32 0.72 41.66 -32.82
CA LEU C 32 -0.07 40.93 -31.84
C LEU C 32 -1.57 41.24 -32.00
N ASN C 33 -1.89 42.50 -32.36
CA ASN C 33 -3.26 42.91 -32.65
C ASN C 33 -3.73 42.21 -33.93
N ILE C 34 -2.84 42.06 -34.94
CA ILE C 34 -3.18 41.38 -36.20
C ILE C 34 -3.41 39.87 -35.98
N MET C 35 -2.61 39.23 -35.12
CA MET C 35 -2.79 37.81 -34.82
C MET C 35 -4.12 37.60 -34.15
N MET C 36 -4.44 38.48 -33.17
CA MET C 36 -5.69 38.43 -32.44
C MET C 36 -6.85 38.58 -33.39
N ALA C 37 -6.80 39.60 -34.29
CA ALA C 37 -7.82 39.82 -35.29
C ALA C 37 -8.05 38.58 -36.15
N SER C 38 -6.95 37.97 -36.67
CA SER C 38 -7.01 36.81 -37.53
C SER C 38 -7.64 35.61 -36.82
N VAL C 39 -7.40 35.45 -35.50
CA VAL C 39 -8.03 34.39 -34.71
C VAL C 39 -9.58 34.59 -34.74
N MET C 40 -10.06 35.79 -34.41
CA MET C 40 -11.46 36.19 -34.35
C MET C 40 -12.18 36.16 -35.70
N HIS C 41 -11.51 36.52 -36.81
CA HIS C 41 -12.13 36.46 -38.13
CA HIS C 41 -12.13 36.46 -38.14
C HIS C 41 -12.35 35.00 -38.60
N HIS C 42 -11.81 34.02 -37.88
CA HIS C 42 -11.93 32.63 -38.24
C HIS C 42 -12.57 31.75 -37.18
N THR C 43 -13.20 32.34 -36.17
CA THR C 43 -13.91 31.57 -35.16
C THR C 43 -15.20 32.26 -34.77
N ASN C 44 -16.23 31.44 -34.45
CA ASN C 44 -17.49 31.88 -33.87
C ASN C 44 -17.57 31.37 -32.39
N HIS C 45 -16.47 30.79 -31.84
CA HIS C 45 -16.43 30.32 -30.47
C HIS C 45 -15.94 31.44 -29.52
N THR C 46 -16.03 31.21 -28.19
CA THR C 46 -15.57 32.21 -27.25
C THR C 46 -14.05 32.14 -27.16
N VAL C 47 -13.38 33.31 -27.21
CA VAL C 47 -11.94 33.43 -27.14
C VAL C 47 -11.51 34.30 -25.95
N LYS C 48 -10.36 33.95 -25.36
CA LYS C 48 -9.75 34.73 -24.29
C LYS C 48 -8.24 34.76 -24.49
N PHE C 49 -7.70 35.94 -24.67
CA PHE C 49 -6.28 36.14 -24.83
C PHE C 49 -5.61 36.45 -23.52
N TRP C 50 -4.45 35.86 -23.25
CA TRP C 50 -3.68 36.08 -22.02
C TRP C 50 -2.32 36.68 -22.38
N PHE C 51 -2.04 37.86 -21.86
CA PHE C 51 -0.82 38.58 -22.17
C PHE C 51 0.21 38.53 -21.06
N ILE C 52 1.51 38.33 -21.40
CA ILE C 52 2.57 38.37 -20.39
C ILE C 52 2.82 39.86 -20.26
N GLU C 53 2.15 40.46 -19.28
CA GLU C 53 2.02 41.88 -19.06
C GLU C 53 3.30 42.73 -18.99
N GLN C 54 4.30 42.35 -18.20
CA GLN C 54 5.49 43.19 -17.97
C GLN C 54 6.31 43.57 -19.22
N PHE C 55 6.09 42.88 -20.34
CA PHE C 55 6.79 43.21 -21.59
C PHE C 55 6.05 44.22 -22.46
N LEU C 56 4.75 44.39 -22.21
CA LEU C 56 3.91 45.30 -22.96
C LEU C 56 4.14 46.77 -22.60
N SER C 57 3.91 47.63 -23.59
CA SER C 57 4.01 49.05 -23.50
C SER C 57 2.70 49.60 -22.88
N PRO C 58 2.74 50.79 -22.27
CA PRO C 58 1.48 51.36 -21.73
C PRO C 58 0.38 51.51 -22.79
N SER C 59 0.72 51.98 -24.03
CA SER C 59 -0.25 52.14 -25.15
C SER C 59 -0.95 50.83 -25.52
N PHE C 60 -0.21 49.71 -25.50
CA PHE C 60 -0.80 48.42 -25.83
C PHE C 60 -1.83 48.02 -24.78
N LYS C 61 -1.47 48.08 -23.47
CA LYS C 61 -2.38 47.76 -22.37
C LYS C 61 -3.61 48.71 -22.26
N ASP C 62 -3.57 49.81 -22.99
CA ASP C 62 -4.66 50.78 -23.03
C ASP C 62 -5.53 50.56 -24.29
N PHE C 63 -4.92 50.11 -25.40
CA PHE C 63 -5.70 49.83 -26.61
C PHE C 63 -6.44 48.47 -26.55
N ILE C 64 -6.02 47.55 -25.65
CA ILE C 64 -6.59 46.22 -25.55
C ILE C 64 -8.10 46.19 -25.23
N PRO C 65 -8.69 47.06 -24.35
CA PRO C 65 -10.14 47.01 -24.14
C PRO C 65 -10.89 47.34 -25.44
N HIS C 66 -10.38 48.30 -26.22
CA HIS C 66 -11.00 48.64 -27.49
C HIS C 66 -11.00 47.46 -28.44
N MET C 67 -9.87 46.70 -28.50
CA MET C 67 -9.73 45.51 -29.34
C MET C 67 -10.75 44.46 -28.91
N ALA C 68 -10.84 44.22 -27.61
CA ALA C 68 -11.72 43.26 -27.00
C ALA C 68 -13.19 43.55 -27.21
N ALA C 69 -13.55 44.82 -27.38
CA ALA C 69 -14.94 45.20 -27.63
C ALA C 69 -15.26 45.23 -29.12
N GLU C 70 -14.27 45.51 -29.97
CA GLU C 70 -14.46 45.53 -31.41
C GLU C 70 -14.54 44.12 -31.95
N TYR C 71 -13.72 43.21 -31.42
CA TYR C 71 -13.62 41.83 -31.87
C TYR C 71 -14.37 40.82 -31.01
N GLY C 72 -14.82 41.23 -29.84
CA GLY C 72 -15.61 40.38 -28.99
C GLY C 72 -14.82 39.25 -28.40
N PHE C 73 -13.82 39.58 -27.59
CA PHE C 73 -13.03 38.57 -26.90
C PHE C 73 -12.72 39.01 -25.49
N LYS C 74 -12.57 38.06 -24.58
CA LYS C 74 -12.14 38.39 -23.23
C LYS C 74 -10.59 38.53 -23.23
N TYR C 75 -10.03 39.07 -22.15
CA TYR C 75 -8.58 39.23 -22.04
C TYR C 75 -8.15 39.28 -20.60
N GLU C 76 -6.90 38.91 -20.30
CA GLU C 76 -6.40 38.97 -18.94
C GLU C 76 -4.88 39.15 -18.91
N MET C 77 -4.41 40.13 -18.12
CA MET C 77 -2.97 40.38 -17.98
C MET C 77 -2.42 39.46 -16.90
N VAL C 78 -1.31 38.76 -17.18
CA VAL C 78 -0.69 37.90 -16.19
C VAL C 78 0.72 38.41 -15.88
N THR C 79 1.02 38.60 -14.59
CA THR C 79 2.31 39.13 -14.17
C THR C 79 2.95 38.17 -13.17
N TYR C 80 3.54 37.08 -13.67
CA TYR C 80 4.26 36.13 -12.84
C TYR C 80 5.68 36.67 -12.67
N LYS C 81 6.34 36.30 -11.57
CA LYS C 81 7.68 36.82 -11.32
C LYS C 81 8.69 35.72 -11.15
N TRP C 82 9.72 35.70 -12.04
CA TRP C 82 10.83 34.73 -12.07
C TRP C 82 11.38 34.40 -10.66
N PRO C 83 11.28 33.12 -10.24
CA PRO C 83 11.79 32.72 -8.92
C PRO C 83 13.28 33.01 -8.76
N HIS C 84 13.69 33.37 -7.55
CA HIS C 84 15.08 33.71 -7.27
C HIS C 84 16.02 32.52 -7.36
N TRP C 85 15.53 31.32 -7.07
CA TRP C 85 16.39 30.13 -7.18
C TRP C 85 16.69 29.81 -8.67
N LEU C 86 15.75 30.11 -9.55
CA LEU C 86 15.85 29.80 -10.96
C LEU C 86 16.90 30.64 -11.67
N ARG C 87 17.78 30.01 -12.47
CA ARG C 87 18.84 30.69 -13.21
C ARG C 87 18.29 31.78 -14.12
N GLN C 88 18.84 33.02 -14.01
CA GLN C 88 18.36 34.18 -14.75
C GLN C 88 18.88 34.27 -16.19
N GLN C 89 18.11 34.93 -17.06
CA GLN C 89 18.54 35.18 -18.44
C GLN C 89 18.77 36.68 -18.67
N LYS C 90 20.03 37.13 -18.67
CA LYS C 90 20.38 38.55 -18.88
C LYS C 90 19.99 39.11 -20.31
N GLU C 91 19.86 38.24 -21.32
CA GLU C 91 19.40 38.66 -22.64
C GLU C 91 17.88 38.78 -22.58
N LYS C 92 17.29 39.93 -23.00
CA LYS C 92 15.83 40.09 -22.93
C LYS C 92 15.08 39.04 -23.76
N GLN C 93 15.62 38.62 -24.92
N GLN C 93 15.65 38.63 -24.91
CA GLN C 93 14.94 37.61 -25.74
CA GLN C 93 15.11 37.64 -25.83
C GLN C 93 15.00 36.23 -25.11
C GLN C 93 15.04 36.27 -25.15
N ARG C 94 16.10 35.92 -24.41
CA ARG C 94 16.18 34.64 -23.69
C ARG C 94 15.20 34.66 -22.50
N GLU C 95 15.02 35.83 -21.84
CA GLU C 95 14.11 35.96 -20.70
C GLU C 95 12.66 35.71 -21.11
N ILE C 96 12.24 36.28 -22.25
CA ILE C 96 10.92 36.16 -22.86
C ILE C 96 10.68 34.71 -23.31
N TRP C 97 11.75 34.04 -23.81
CA TRP C 97 11.66 32.62 -24.18
C TRP C 97 11.43 31.77 -22.93
N GLY C 98 11.97 32.21 -21.78
CA GLY C 98 11.78 31.58 -20.48
C GLY C 98 10.33 31.66 -20.08
N TYR C 99 9.71 32.83 -20.30
CA TYR C 99 8.29 33.01 -19.99
C TYR C 99 7.34 32.23 -20.91
N LYS C 100 7.88 31.63 -21.97
CA LYS C 100 7.05 30.88 -22.90
C LYS C 100 6.89 29.44 -22.42
N ILE C 101 7.98 28.84 -21.94
CA ILE C 101 8.00 27.43 -21.62
C ILE C 101 8.26 27.05 -20.13
N LEU C 102 8.73 27.99 -19.30
CA LEU C 102 9.10 27.67 -17.94
C LEU C 102 8.00 27.70 -16.89
N PHE C 103 6.94 28.49 -17.11
CA PHE C 103 5.91 28.72 -16.08
C PHE C 103 4.49 28.36 -16.54
N LEU C 104 4.36 27.35 -17.41
CA LEU C 104 3.06 26.98 -17.97
C LEU C 104 2.02 26.64 -16.93
N ASP C 105 2.47 26.06 -15.79
CA ASP C 105 1.65 25.71 -14.62
C ASP C 105 1.28 26.86 -13.68
N VAL C 106 2.16 27.83 -13.43
CA VAL C 106 1.88 28.94 -12.51
C VAL C 106 1.31 30.20 -13.17
N LEU C 107 1.43 30.35 -14.51
CA LEU C 107 0.90 31.55 -15.17
C LEU C 107 -0.61 31.61 -15.20
N PHE C 108 -1.26 30.46 -15.18
CA PHE C 108 -2.71 30.42 -15.36
C PHE C 108 -3.48 29.92 -14.13
N PRO C 109 -4.78 30.25 -14.05
CA PRO C 109 -5.58 29.75 -12.92
C PRO C 109 -5.76 28.24 -13.00
N LEU C 110 -5.78 27.54 -11.83
CA LEU C 110 -6.01 26.09 -11.78
C LEU C 110 -7.29 25.69 -12.51
N SER C 111 -8.24 26.61 -12.61
CA SER C 111 -9.50 26.36 -13.31
C SER C 111 -9.38 26.42 -14.85
N LEU C 112 -8.16 26.46 -15.40
CA LEU C 112 -7.96 26.50 -16.86
C LEU C 112 -7.44 25.17 -17.26
N ASP C 113 -8.18 24.50 -18.13
CA ASP C 113 -7.82 23.16 -18.58
CA ASP C 113 -7.80 23.16 -18.58
C ASP C 113 -6.87 23.14 -19.80
N LYS C 114 -6.94 24.19 -20.64
CA LYS C 114 -6.13 24.20 -21.84
C LYS C 114 -5.80 25.59 -22.34
N VAL C 115 -4.54 25.80 -22.71
CA VAL C 115 -4.10 27.08 -23.22
C VAL C 115 -3.19 26.83 -24.45
N ILE C 116 -3.29 27.72 -25.43
CA ILE C 116 -2.51 27.60 -26.65
C ILE C 116 -1.60 28.80 -26.76
N PHE C 117 -0.27 28.61 -26.94
CA PHE C 117 0.60 29.72 -27.25
C PHE C 117 0.52 29.92 -28.78
N VAL C 118 0.34 31.14 -29.23
CA VAL C 118 0.30 31.48 -30.66
C VAL C 118 1.24 32.68 -30.76
N ASP C 119 2.23 32.58 -31.63
CA ASP C 119 3.24 33.61 -31.75
C ASP C 119 2.66 34.93 -32.18
N ALA C 120 3.23 36.03 -31.65
CA ALA C 120 2.74 37.39 -31.88
C ALA C 120 2.74 37.73 -33.35
N ASP C 121 3.73 37.26 -34.10
CA ASP C 121 3.84 37.53 -35.53
C ASP C 121 3.10 36.51 -36.41
N GLN C 122 2.12 35.81 -35.87
CA GLN C 122 1.42 34.80 -36.61
C GLN C 122 0.20 35.31 -37.29
N ILE C 123 -0.24 34.58 -38.29
CA ILE C 123 -1.50 34.88 -38.96
C ILE C 123 -2.30 33.58 -38.93
N VAL C 124 -3.52 33.64 -38.43
CA VAL C 124 -4.38 32.48 -38.26
C VAL C 124 -5.43 32.46 -39.30
N ARG C 125 -5.48 31.37 -40.07
CA ARG C 125 -6.44 31.10 -41.16
C ARG C 125 -7.34 29.89 -40.83
N THR C 126 -7.61 29.66 -39.54
CA THR C 126 -8.41 28.50 -39.11
C THR C 126 -9.21 28.76 -37.82
N ASP C 127 -10.20 27.87 -37.56
CA ASP C 127 -10.95 27.91 -36.33
C ASP C 127 -10.01 27.27 -35.28
N MET C 128 -9.43 28.07 -34.40
CA MET C 128 -8.51 27.59 -33.36
C MET C 128 -9.11 26.60 -32.37
N TYR C 129 -10.43 26.43 -32.40
CA TYR C 129 -11.13 25.44 -31.58
C TYR C 129 -10.75 23.99 -32.04
N ASP C 130 -10.37 23.82 -33.32
CA ASP C 130 -9.89 22.52 -33.83
C ASP C 130 -8.62 22.06 -33.10
N LEU C 131 -7.78 23.02 -32.64
CA LEU C 131 -6.57 22.65 -31.90
C LEU C 131 -6.93 22.21 -30.46
N VAL C 132 -7.97 22.87 -29.86
CA VAL C 132 -8.48 22.52 -28.54
C VAL C 132 -9.01 21.06 -28.60
N GLU C 133 -9.74 20.74 -29.70
CA GLU C 133 -10.31 19.39 -29.90
C GLU C 133 -9.33 18.36 -30.46
N HIS C 134 -8.12 18.79 -30.87
CA HIS C 134 -7.15 17.86 -31.42
C HIS C 134 -6.71 16.89 -30.33
N PRO C 135 -6.77 15.57 -30.56
CA PRO C 135 -6.40 14.63 -29.49
C PRO C 135 -4.89 14.60 -29.23
N LEU C 136 -4.51 14.70 -27.96
CA LEU C 136 -3.10 14.69 -27.58
C LEU C 136 -2.59 13.32 -27.14
N ASP C 137 -3.48 12.32 -27.03
CA ASP C 137 -3.09 10.95 -26.67
C ASP C 137 -2.27 10.86 -25.37
N GLY C 138 -2.64 11.63 -24.35
CA GLY C 138 -1.97 11.61 -23.06
C GLY C 138 -0.80 12.57 -22.93
N ALA C 139 -0.38 13.22 -24.04
CA ALA C 139 0.74 14.14 -24.00
C ALA C 139 0.32 15.44 -23.33
N PRO C 140 1.22 16.07 -22.52
CA PRO C 140 0.83 17.32 -21.84
C PRO C 140 0.88 18.56 -22.73
N TYR C 141 1.47 18.44 -23.93
CA TYR C 141 1.52 19.51 -24.91
C TYR C 141 1.83 18.98 -26.32
N GLY C 142 1.28 19.70 -27.29
CA GLY C 142 1.41 19.39 -28.70
C GLY C 142 2.11 20.47 -29.48
N PHE C 143 3.18 20.11 -30.19
CA PHE C 143 3.92 21.06 -31.03
C PHE C 143 3.90 20.53 -32.46
N ALA C 144 4.03 21.44 -33.43
CA ALA C 144 4.08 21.08 -34.83
C ALA C 144 5.57 20.87 -35.17
N PRO C 145 5.85 19.91 -36.06
CA PRO C 145 7.24 19.68 -36.45
C PRO C 145 7.74 20.75 -37.41
N MET C 146 9.09 20.90 -37.47
CA MET C 146 9.73 21.77 -38.42
C MET C 146 9.51 21.18 -39.82
N CYS C 147 9.24 22.02 -40.83
CA CYS C 147 9.07 21.49 -42.21
C CYS C 147 10.38 21.00 -42.79
N ASP C 148 10.29 19.98 -43.69
CA ASP C 148 11.41 19.48 -44.49
C ASP C 148 11.16 19.67 -46.01
N SER C 149 9.97 20.20 -46.41
CA SER C 149 9.50 20.37 -47.78
C SER C 149 10.27 21.39 -48.63
N ARG C 150 10.96 22.37 -48.04
CA ARG C 150 11.77 23.30 -48.83
C ARG C 150 13.15 22.73 -48.86
N VAL C 151 13.49 21.97 -49.91
CA VAL C 151 14.76 21.24 -50.01
C VAL C 151 15.99 22.14 -50.10
N GLU C 152 15.90 23.37 -50.67
CA GLU C 152 17.08 24.24 -50.77
C GLU C 152 17.62 24.71 -49.41
N MET C 153 16.75 24.77 -48.40
CA MET C 153 17.13 25.23 -47.08
C MET C 153 17.70 24.16 -46.14
N GLU C 154 18.00 22.97 -46.66
CA GLU C 154 18.49 21.81 -45.91
C GLU C 154 19.79 22.06 -45.14
N GLY C 155 20.69 22.87 -45.69
CA GLY C 155 21.93 23.22 -45.01
C GLY C 155 21.70 23.98 -43.72
N TYR C 156 20.57 24.69 -43.63
CA TYR C 156 20.23 25.44 -42.43
C TYR C 156 19.44 24.64 -41.39
N ARG C 157 19.07 23.40 -41.71
CA ARG C 157 18.35 22.52 -40.81
C ARG C 157 19.32 21.87 -39.82
N PHE C 158 19.74 22.63 -38.79
CA PHE C 158 20.72 22.17 -37.79
C PHE C 158 20.33 20.92 -37.03
N TRP C 159 19.05 20.62 -36.97
CA TRP C 159 18.54 19.46 -36.25
C TRP C 159 18.67 18.13 -37.02
N LYS C 160 18.94 18.23 -38.33
CA LYS C 160 19.11 17.09 -39.22
C LYS C 160 20.52 16.48 -39.19
N THR C 161 21.51 17.17 -38.55
CA THR C 161 22.91 16.70 -38.43
C THR C 161 23.47 16.96 -36.98
N GLY C 162 24.68 16.45 -36.71
CA GLY C 162 25.38 16.68 -35.46
C GLY C 162 24.61 16.31 -34.22
N TYR C 163 24.66 17.23 -33.22
CA TYR C 163 24.01 17.02 -31.92
C TYR C 163 22.55 16.54 -32.03
N TRP C 164 21.67 17.35 -32.62
CA TRP C 164 20.26 17.01 -32.68
C TRP C 164 19.96 15.74 -33.42
N ALA C 165 20.66 15.43 -34.54
CA ALA C 165 20.35 14.19 -35.26
C ALA C 165 20.68 12.97 -34.39
N ASN C 166 21.79 13.05 -33.64
CA ASN C 166 22.18 11.94 -32.76
C ASN C 166 21.21 11.85 -31.59
N TYR C 167 20.93 12.98 -30.95
CA TYR C 167 20.05 13.04 -29.79
C TYR C 167 18.58 12.64 -30.07
N LEU C 168 18.01 13.08 -31.19
CA LEU C 168 16.59 12.82 -31.49
C LEU C 168 16.29 11.39 -31.86
N LYS C 169 17.22 10.67 -32.49
CA LYS C 169 16.99 9.27 -32.88
C LYS C 169 15.75 9.13 -33.79
N GLY C 170 15.60 10.04 -34.76
CA GLY C 170 14.48 10.01 -35.69
C GLY C 170 13.24 10.76 -35.24
N LYS C 171 13.18 11.15 -33.95
CA LYS C 171 12.08 11.94 -33.39
C LYS C 171 12.08 13.30 -34.12
N PRO C 172 10.88 13.85 -34.39
CA PRO C 172 10.84 15.16 -35.04
C PRO C 172 11.36 16.25 -34.12
N TYR C 173 11.81 17.36 -34.74
CA TYR C 173 12.29 18.54 -34.04
C TYR C 173 11.20 19.54 -34.35
N HIS C 174 10.44 19.87 -33.30
CA HIS C 174 9.26 20.71 -33.29
C HIS C 174 9.62 22.20 -33.14
N ILE C 175 8.81 23.02 -33.80
CA ILE C 175 9.01 24.46 -33.71
C ILE C 175 8.13 24.98 -32.51
N SER C 176 8.68 25.90 -31.69
CA SER C 176 7.98 26.47 -30.54
C SER C 176 7.13 27.68 -30.85
N ALA C 177 6.85 27.96 -32.13
CA ALA C 177 6.02 29.08 -32.54
C ALA C 177 4.55 28.91 -32.13
N LEU C 178 4.02 27.70 -32.23
CA LEU C 178 2.63 27.41 -31.86
C LEU C 178 2.63 26.14 -30.99
N TYR C 179 1.83 26.10 -29.92
CA TYR C 179 1.73 24.88 -29.12
C TYR C 179 0.50 24.87 -28.21
N VAL C 180 -0.22 23.75 -28.19
CA VAL C 180 -1.37 23.60 -27.34
C VAL C 180 -0.87 22.90 -26.06
N VAL C 181 -1.25 23.40 -24.90
CA VAL C 181 -0.85 22.85 -23.61
C VAL C 181 -2.12 22.36 -22.91
N ASP C 182 -2.17 21.08 -22.58
CA ASP C 182 -3.28 20.53 -21.80
C ASP C 182 -2.81 20.74 -20.36
N LEU C 183 -3.17 21.87 -19.79
CA LEU C 183 -2.77 22.27 -18.46
C LEU C 183 -3.19 21.23 -17.40
N GLN C 184 -4.36 20.60 -17.56
CA GLN C 184 -4.83 19.51 -16.72
C GLN C 184 -3.76 18.44 -16.58
N ARG C 185 -3.31 17.83 -17.71
CA ARG C 185 -2.30 16.77 -17.82
C ARG C 185 -0.90 17.26 -17.46
N PHE C 186 -0.57 18.50 -17.84
CA PHE C 186 0.70 19.15 -17.55
C PHE C 186 0.88 19.24 -16.03
N ARG C 187 -0.19 19.61 -15.30
CA ARG C 187 -0.19 19.71 -13.85
C ARG C 187 -0.09 18.29 -13.27
N GLU C 188 -0.92 17.36 -13.80
CA GLU C 188 -0.94 15.94 -13.48
C GLU C 188 0.43 15.31 -13.56
N LEU C 189 1.27 15.76 -14.48
CA LEU C 189 2.61 15.19 -14.64
C LEU C 189 3.73 16.04 -14.01
N ALA C 190 3.39 17.17 -13.33
CA ALA C 190 4.38 18.11 -12.75
C ALA C 190 5.42 18.53 -13.78
N ALA C 191 4.98 18.65 -15.05
CA ALA C 191 5.85 19.01 -16.16
C ALA C 191 6.52 20.35 -15.98
N GLY C 192 5.87 21.27 -15.28
CA GLY C 192 6.43 22.59 -15.01
C GLY C 192 7.68 22.49 -14.16
N ASP C 193 7.58 21.77 -13.00
CA ASP C 193 8.70 21.58 -12.06
C ASP C 193 9.86 20.87 -12.73
N ARG C 194 9.55 19.81 -13.48
CA ARG C 194 10.57 19.08 -14.22
C ARG C 194 11.23 19.94 -15.30
N LEU C 195 10.45 20.74 -16.06
CA LEU C 195 11.02 21.63 -17.08
C LEU C 195 11.94 22.67 -16.44
N ARG C 196 11.51 23.31 -15.32
CA ARG C 196 12.33 24.30 -14.64
C ARG C 196 13.62 23.69 -14.11
N GLN C 197 13.52 22.47 -13.55
CA GLN C 197 14.67 21.79 -12.97
C GLN C 197 15.68 21.44 -14.04
N GLN C 198 15.20 20.90 -15.17
CA GLN C 198 16.09 20.55 -16.26
C GLN C 198 16.71 21.80 -16.86
N TYR C 199 15.93 22.88 -16.99
CA TYR C 199 16.43 24.15 -17.51
C TYR C 199 17.53 24.69 -16.57
N HIS C 200 17.31 24.63 -15.25
CA HIS C 200 18.24 25.17 -14.27
C HIS C 200 19.57 24.47 -14.29
N ALA C 201 19.57 23.17 -14.55
CA ALA C 201 20.78 22.38 -14.61
C ALA C 201 21.46 22.60 -15.96
N LEU C 202 20.68 22.53 -17.06
CA LEU C 202 21.21 22.68 -18.42
C LEU C 202 21.82 24.05 -18.62
N SER C 203 21.09 25.11 -18.26
CA SER C 203 21.55 26.48 -18.45
C SER C 203 22.87 26.83 -17.73
N ALA C 204 23.39 25.95 -16.84
CA ALA C 204 24.70 26.20 -16.20
C ALA C 204 25.80 26.27 -17.27
N ASP C 205 25.67 25.47 -18.34
CA ASP C 205 26.55 25.54 -19.50
C ASP C 205 25.92 26.62 -20.41
N PRO C 206 26.59 27.77 -20.53
CA PRO C 206 26.02 28.86 -21.35
C PRO C 206 25.91 28.58 -22.84
N ASN C 207 26.56 27.52 -23.34
CA ASN C 207 26.45 27.09 -24.73
C ASN C 207 25.24 26.12 -24.92
N SER C 208 24.48 25.82 -23.85
CA SER C 208 23.33 24.92 -23.95
CA SER C 208 23.33 24.91 -23.97
C SER C 208 22.03 25.71 -24.14
N LEU C 209 20.99 25.04 -24.66
CA LEU C 209 19.67 25.61 -24.92
C LEU C 209 19.73 26.88 -25.79
N ALA C 210 20.43 26.81 -26.94
CA ALA C 210 20.61 27.92 -27.88
C ALA C 210 19.28 28.64 -28.24
N ASN C 211 18.21 27.88 -28.38
CA ASN C 211 16.88 28.42 -28.62
C ASN C 211 16.08 27.96 -27.41
N LEU C 212 16.22 28.65 -26.28
CA LEU C 212 15.63 28.33 -24.98
C LEU C 212 14.21 27.70 -25.06
N ASP C 213 13.25 28.39 -25.72
CA ASP C 213 11.87 27.93 -25.85
C ASP C 213 11.67 26.70 -26.76
N GLN C 214 12.58 26.45 -27.69
CA GLN C 214 12.44 25.35 -28.65
C GLN C 214 13.24 24.10 -28.25
N ASP C 215 14.47 24.31 -27.77
CA ASP C 215 15.34 23.22 -27.39
C ASP C 215 14.84 22.48 -26.16
N LEU C 216 14.39 23.23 -25.14
CA LEU C 216 13.92 22.60 -23.91
C LEU C 216 12.79 21.54 -24.14
N PRO C 217 11.63 21.83 -24.78
CA PRO C 217 10.63 20.76 -25.01
C PRO C 217 11.17 19.62 -25.88
N ASN C 218 11.90 19.95 -26.95
CA ASN C 218 12.53 18.94 -27.81
C ASN C 218 13.53 18.03 -27.10
N HIS C 219 14.16 18.55 -26.06
CA HIS C 219 15.13 17.81 -25.27
C HIS C 219 14.40 16.86 -24.32
N MET C 220 13.31 17.32 -23.74
CA MET C 220 12.55 16.52 -22.79
C MET C 220 11.51 15.58 -23.43
N GLN C 221 11.35 15.55 -24.78
CA GLN C 221 10.27 14.77 -25.39
C GLN C 221 10.34 13.27 -25.16
N PHE C 222 11.47 12.78 -24.62
CA PHE C 222 11.59 11.35 -24.29
C PHE C 222 10.94 11.02 -22.94
N THR C 223 10.68 12.03 -22.09
CA THR C 223 10.08 11.82 -20.78
C THR C 223 8.84 12.69 -20.52
N ILE C 224 8.73 13.82 -21.22
CA ILE C 224 7.59 14.72 -21.17
C ILE C 224 7.12 14.68 -22.61
N PRO C 225 6.20 13.75 -22.89
CA PRO C 225 5.78 13.55 -24.29
C PRO C 225 5.31 14.79 -25.04
N ILE C 226 5.55 14.83 -26.37
CA ILE C 226 5.07 15.90 -27.23
C ILE C 226 4.15 15.27 -28.25
N ALA C 227 2.91 15.72 -28.32
CA ALA C 227 2.00 15.21 -29.34
C ALA C 227 2.40 15.98 -30.65
N THR C 228 2.96 15.29 -31.66
CA THR C 228 3.37 15.96 -32.92
C THR C 228 2.11 16.34 -33.71
N LEU C 229 1.84 17.61 -33.77
CA LEU C 229 0.67 18.14 -34.45
C LEU C 229 0.80 18.00 -35.93
N PRO C 230 -0.32 17.85 -36.66
CA PRO C 230 -0.26 17.90 -38.13
C PRO C 230 0.61 19.03 -38.67
N GLN C 231 1.32 18.80 -39.77
CA GLN C 231 2.22 19.80 -40.35
C GLN C 231 1.50 21.10 -40.73
N GLU C 232 0.23 21.00 -41.16
CA GLU C 232 -0.54 22.18 -41.55
CA GLU C 232 -0.56 22.18 -41.55
C GLU C 232 -0.76 23.18 -40.41
N TRP C 233 -0.66 22.73 -39.15
CA TRP C 233 -0.83 23.63 -38.01
C TRP C 233 0.15 24.79 -38.00
N LEU C 234 1.39 24.59 -38.46
CA LEU C 234 2.38 25.67 -38.50
C LEU C 234 3.15 25.70 -39.83
N TRP C 235 3.04 26.81 -40.60
CA TRP C 235 3.78 27.03 -41.88
C TRP C 235 4.66 28.29 -41.82
N CYS C 236 5.95 28.16 -42.10
CA CYS C 236 6.91 29.25 -42.23
C CYS C 236 7.57 29.10 -43.59
N GLU C 237 7.66 30.16 -44.40
CA GLU C 237 8.26 30.07 -45.72
C GLU C 237 9.70 29.55 -45.69
N THR C 238 10.46 29.91 -44.65
CA THR C 238 11.84 29.46 -44.49
C THR C 238 12.05 27.94 -44.67
N TRP C 239 11.19 27.13 -44.06
CA TRP C 239 11.35 25.68 -44.12
C TRP C 239 10.27 24.97 -44.94
N CYS C 240 9.14 25.64 -45.18
CA CYS C 240 8.00 25.01 -45.83
C CYS C 240 7.80 25.48 -47.26
N SER C 241 7.51 24.52 -48.12
CA SER C 241 7.32 24.69 -49.55
C SER C 241 6.14 25.58 -49.88
N ASP C 242 6.15 26.18 -51.08
CA ASP C 242 5.07 27.05 -51.52
CA ASP C 242 5.09 27.04 -51.57
C ASP C 242 3.77 26.26 -51.65
N GLU C 243 3.86 25.00 -52.12
CA GLU C 243 2.74 24.07 -52.31
C GLU C 243 1.89 23.81 -51.04
N THR C 244 2.49 23.91 -49.84
CA THR C 244 1.77 23.62 -48.61
C THR C 244 1.18 24.86 -47.92
N LEU C 245 1.32 26.07 -48.51
CA LEU C 245 0.75 27.29 -47.92
C LEU C 245 -0.78 27.26 -48.00
N LYS C 246 -1.32 26.73 -49.10
CA LYS C 246 -2.77 26.61 -49.26
C LYS C 246 -3.40 25.73 -48.17
N ASP C 247 -2.63 24.78 -47.61
CA ASP C 247 -3.13 23.88 -46.56
C ASP C 247 -2.90 24.41 -45.14
N ALA C 248 -2.11 25.48 -44.98
CA ALA C 248 -1.75 26.00 -43.66
C ALA C 248 -2.89 26.62 -42.91
N ARG C 249 -3.02 26.20 -41.64
CA ARG C 249 -4.00 26.69 -40.71
C ARG C 249 -3.46 27.99 -40.07
N THR C 250 -2.16 28.03 -39.73
CA THR C 250 -1.53 29.23 -39.19
C THR C 250 -0.18 29.44 -39.91
N ILE C 251 0.26 30.67 -39.99
CA ILE C 251 1.52 31.06 -40.60
C ILE C 251 2.37 31.68 -39.51
N ASP C 252 3.66 31.47 -39.55
CA ASP C 252 4.59 32.06 -38.61
C ASP C 252 5.63 32.76 -39.48
N LEU C 253 5.96 34.02 -39.15
CA LEU C 253 6.93 34.78 -39.95
C LEU C 253 8.32 34.56 -39.37
N CYS C 254 8.83 33.33 -39.52
CA CYS C 254 10.10 33.01 -38.92
C CYS C 254 11.24 33.42 -39.80
N ASN C 255 12.34 33.80 -39.15
CA ASN C 255 13.53 34.27 -39.83
C ASN C 255 14.07 33.32 -40.87
N ASN C 256 14.49 33.89 -42.02
CA ASN C 256 15.10 33.19 -43.12
C ASN C 256 16.61 33.50 -43.08
N PRO C 257 17.42 32.58 -42.57
CA PRO C 257 18.88 32.83 -42.49
C PRO C 257 19.54 33.09 -43.85
N MET C 258 18.93 32.59 -44.92
CA MET C 258 19.42 32.75 -46.28
C MET C 258 19.14 34.14 -46.84
N THR C 259 17.92 34.68 -46.66
CA THR C 259 17.58 35.96 -47.25
C THR C 259 17.73 37.15 -46.28
N LYS C 260 17.64 36.94 -44.96
CA LYS C 260 17.71 38.01 -43.97
C LYS C 260 16.71 39.16 -44.25
N GLU C 261 15.62 38.86 -45.01
CA GLU C 261 14.55 39.78 -45.38
C GLU C 261 13.85 40.34 -44.13
N PRO C 262 13.58 41.66 -44.05
CA PRO C 262 12.90 42.21 -42.86
C PRO C 262 11.52 41.58 -42.59
N LYS C 263 11.08 41.68 -41.32
CA LYS C 263 9.83 41.11 -40.82
C LYS C 263 8.57 41.71 -41.46
N LEU C 264 8.45 43.04 -41.51
CA LEU C 264 7.29 43.69 -42.13
C LEU C 264 7.20 43.33 -43.62
N ASP C 265 8.36 43.27 -44.30
CA ASP C 265 8.46 42.95 -45.72
C ASP C 265 8.01 41.53 -45.98
N ARG C 266 8.36 40.58 -45.06
CA ARG C 266 7.94 39.18 -45.13
C ARG C 266 6.42 39.13 -44.97
N ALA C 267 5.88 39.82 -43.97
CA ALA C 267 4.45 39.82 -43.71
C ALA C 267 3.62 40.27 -44.95
N ARG C 268 3.89 41.46 -45.51
CA ARG C 268 3.17 41.95 -46.67
C ARG C 268 3.27 41.01 -47.86
N ARG C 269 4.48 40.48 -48.14
CA ARG C 269 4.73 39.61 -49.27
C ARG C 269 4.06 38.24 -49.17
N GLN C 270 4.32 37.51 -48.07
CA GLN C 270 3.76 36.19 -47.89
C GLN C 270 2.27 36.22 -47.60
N VAL C 271 1.79 37.24 -46.90
CA VAL C 271 0.41 37.24 -46.43
C VAL C 271 -0.49 38.26 -47.13
N PRO C 272 -1.43 37.79 -47.96
CA PRO C 272 -2.31 38.73 -48.68
C PRO C 272 -3.36 39.46 -47.84
N GLU C 273 -3.73 38.91 -46.68
CA GLU C 273 -4.71 39.55 -45.81
C GLU C 273 -4.07 40.40 -44.70
N TRP C 274 -2.73 40.43 -44.61
CA TRP C 274 -1.98 41.13 -43.59
C TRP C 274 -2.32 42.61 -43.55
N THR C 275 -2.19 43.33 -44.68
CA THR C 275 -2.49 44.75 -44.71
C THR C 275 -3.95 45.00 -44.41
N LYS C 276 -4.87 44.08 -44.77
CA LYS C 276 -6.29 44.26 -44.46
C LYS C 276 -6.48 44.30 -42.93
N TYR C 277 -5.82 43.39 -42.18
CA TYR C 277 -5.92 43.42 -40.72
C TYR C 277 -5.21 44.67 -40.18
N ASP C 278 -4.07 45.03 -40.77
CA ASP C 278 -3.28 46.17 -40.33
C ASP C 278 -4.03 47.48 -40.49
N GLU C 279 -4.70 47.66 -41.63
CA GLU C 279 -5.53 48.82 -41.97
C GLU C 279 -6.77 48.88 -41.06
N GLU C 280 -7.36 47.72 -40.77
CA GLU C 280 -8.55 47.54 -39.93
C GLU C 280 -8.27 47.98 -38.49
N ILE C 281 -7.12 47.61 -37.94
CA ILE C 281 -6.73 47.98 -36.56
C ILE C 281 -6.31 49.46 -36.49
N ALA C 282 -5.72 49.99 -37.59
CA ALA C 282 -5.37 51.40 -37.71
C ALA C 282 -6.63 52.27 -37.80
N GLU C 283 -7.73 51.73 -38.39
CA GLU C 283 -9.04 52.39 -38.46
C GLU C 283 -9.73 52.34 -37.09
N LEU C 284 -9.55 51.23 -36.34
CA LEU C 284 -10.10 51.11 -34.99
C LEU C 284 -9.39 52.12 -34.07
N ALA C 285 -8.08 52.32 -34.25
CA ALA C 285 -7.30 53.29 -33.48
C ALA C 285 -7.79 54.71 -33.78
N ARG C 286 -8.04 55.00 -35.08
CA ARG C 286 -8.55 56.27 -35.59
C ARG C 286 -9.93 56.58 -35.00
N ARG C 287 -10.81 55.58 -34.96
CA ARG C 287 -12.15 55.73 -34.41
C ARG C 287 -12.12 55.96 -32.90
N VAL C 288 -11.12 55.40 -32.20
CA VAL C 288 -10.96 55.53 -30.75
C VAL C 288 -10.57 56.97 -30.37
N ARG C 289 -9.72 57.61 -31.19
CA ARG C 289 -9.30 58.98 -30.94
C ARG C 289 -10.46 59.99 -31.08
N GLU C 290 -11.55 59.61 -31.78
CA GLU C 290 -12.73 60.45 -31.94
C GLU C 290 -13.74 60.16 -30.82
C1 NAG D . -15.55 -35.98 1.54
C2 NAG D . -16.51 -37.03 2.09
C3 NAG D . -17.04 -37.91 0.96
C4 NAG D . -17.69 -37.05 -0.10
C5 NAG D . -16.67 -36.03 -0.61
C6 NAG D . -17.24 -35.08 -1.64
C7 NAG D . -16.05 -37.67 4.42
C8 NAG D . -15.34 -38.65 5.32
N2 NAG D . -15.86 -37.84 3.11
O3 NAG D . -17.98 -38.86 1.46
O4 NAG D . -18.19 -37.84 -1.17
O5 NAG D . -16.20 -35.23 0.49
O6 NAG D . -17.54 -35.74 -2.86
O7 NAG D . -16.74 -36.76 4.87
C1 U2F E . -7.95 -48.70 29.52
O1 U2F E . -6.83 -49.36 29.08
PB U2F E . -6.71 -50.68 28.22
O1B U2F E . -7.63 -51.68 28.76
O2B U2F E . -6.74 -50.37 26.72
O3A U2F E . -5.25 -51.19 28.60
PA U2F E . -3.80 -50.90 28.04
O1A U2F E . -3.44 -49.47 28.13
O2A U2F E . -3.74 -51.54 26.64
O5' U2F E . -2.93 -51.80 29.08
C5' U2F E . -2.54 -53.18 28.90
C4' U2F E . -1.05 -53.35 29.03
O4' U2F E . -0.36 -52.77 27.91
C1' U2F E . 0.70 -51.95 28.37
C2' U2F E . 0.29 -51.51 29.78
C3' U2F E . -0.40 -52.78 30.30
O3' U2F E . 0.56 -53.68 30.84
O2' U2F E . 1.42 -51.12 30.55
N1 U2F E . 0.86 -50.82 27.45
C6' U2F E . 2.05 -50.69 26.78
O6' U2F E . 2.99 -51.46 26.91
N3 U2F E . 2.13 -49.59 25.95
C7' U2F E . 1.15 -48.63 25.76
O7' U2F E . 1.34 -47.71 24.96
C8' U2F E . -0.04 -48.82 26.51
C9' U2F E . -0.15 -49.90 27.31
C2 U2F E . -8.22 -47.48 28.64
F1 U2F E . -8.40 -47.96 27.33
C3 U2F E . -7.00 -46.57 28.67
O3 U2F E . -7.17 -45.45 27.82
C4 U2F E . -6.70 -46.16 30.10
O4 U2F E . -5.49 -45.46 30.10
C5 U2F E . -6.56 -47.38 31.01
C6 U2F E . -6.51 -47.00 32.47
O6 U2F E . -6.69 -48.11 33.35
O5 U2F E . -7.69 -48.27 30.85
CA CA F . -7.05 -48.61 25.24
C1 PDO G . -24.46 -58.63 25.55
O1 PDO G . -24.00 -57.95 24.40
C2 PDO G . -24.80 -57.73 26.72
C3 PDO G . -25.21 -58.48 27.99
O3 PDO G . -26.09 -57.70 28.82
H11 PDO G . -23.69 -59.35 25.87
H12 PDO G . -25.32 -59.24 25.29
HO1 PDO G . -23.09 -57.61 24.61
H21 PDO G . -25.59 -57.03 26.43
H22 PDO G . -23.96 -57.07 26.95
H31 PDO G . -24.34 -58.79 28.55
H32 PDO G . -25.72 -59.42 27.72
HO3 PDO G . -25.51 -57.00 29.23
C1 U2F H . 0.57 17.67 9.48
O1 U2F H . -0.03 17.02 10.61
PB U2F H . -1.58 17.15 11.05
O1B U2F H . -1.93 18.53 10.72
O2B U2F H . -2.42 16.02 10.45
O3A U2F H . -1.66 16.98 12.63
PA U2F H . -1.37 15.73 13.57
O1A U2F H . -0.18 14.97 13.13
O2A U2F H . -2.65 14.92 13.61
O5' U2F H . -1.10 16.45 14.98
C5' U2F H . -2.11 16.88 15.90
C4' U2F H . -1.91 16.22 17.24
O4' U2F H . -2.03 14.79 17.12
C1' U2F H . -1.02 14.16 17.88
C2' U2F H . 0.16 15.14 17.86
C3' U2F H . -0.57 16.49 17.93
O3' U2F H . -0.78 16.87 19.29
O2' U2F H . 1.06 14.95 18.94
N1 U2F H . -0.70 12.87 17.23
C6' U2F H . -0.87 11.71 17.97
O6' U2F H . -1.19 11.72 19.16
N3 U2F H . -0.56 10.55 17.31
C7' U2F H . -0.09 10.44 16.02
O7' U2F H . 0.17 9.32 15.56
C8' U2F H . 0.09 11.68 15.32
C9' U2F H . -0.23 12.84 15.93
C2 U2F H . 0.93 16.63 8.44
F1 U2F H . -0.25 15.97 8.09
C3 U2F H . 1.89 15.63 9.10
O3 U2F H . 2.23 14.56 8.23
C4 U2F H . 3.13 16.38 9.58
O4 U2F H . 3.89 15.50 10.41
C5 U2F H . 2.79 17.60 10.43
C6 U2F H . 3.97 18.52 10.63
O6 U2F H . 3.59 19.72 11.31
O5 U2F H . 1.74 18.38 9.83
C1 NAG I . -8.60 -4.63 -10.67
C2 NAG I . -9.11 -3.23 -11.02
C3 NAG I . -10.58 -3.30 -11.45
C4 NAG I . -10.76 -4.28 -12.60
C5 NAG I . -10.23 -5.64 -12.17
C6 NAG I . -10.27 -6.67 -13.29
C7 NAG I . -7.94 -1.47 -9.74
C8 NAG I . -8.01 -0.58 -8.55
N2 NAG I . -8.96 -2.33 -9.89
O3 NAG I . -11.03 -2.01 -11.86
O4 NAG I . -12.15 -4.36 -12.92
O5 NAG I . -8.84 -5.52 -11.78
O6 NAG I . -11.59 -6.86 -13.79
O7 NAG I . -6.99 -1.43 -10.53
CA CA J . -1.81 13.94 8.94
C1 PDO K . -12.40 27.73 -1.38
C1 PDO K . -12.31 28.10 -2.38
O1 PDO K . -12.58 26.34 -1.55
O1 PDO K . -12.55 26.70 -2.43
C2 PDO K . -10.93 28.09 -1.23
C2 PDO K . -10.95 28.48 -1.80
C3 PDO K . -10.65 29.58 -1.35
C3 PDO K . -10.70 29.99 -1.73
O3 PDO K . -11.05 30.36 -0.22
O3 PDO K . -10.34 30.57 -2.97
H11 PDO K . -12.96 28.09 -0.52
H11 PDO K . -13.09 28.60 -1.80
H12 PDO K . -12.82 28.27 -2.23
H12 PDO K . -12.40 28.52 -3.38
HO1 PDO K . -13.56 26.18 -1.60
HO1 PDO K . -13.53 26.58 -2.51
H21 PDO K . -10.35 27.54 -1.97
H21 PDO K . -10.15 28.00 -2.37
H22 PDO K . -10.55 27.70 -0.29
H22 PDO K . -10.84 28.04 -0.81
H31 PDO K . -11.14 29.97 -2.24
H31 PDO K . -9.93 30.19 -1.00
H32 PDO K . -9.58 29.72 -1.54
H32 PDO K . -11.59 30.47 -1.34
HO3 PDO K . -11.44 29.73 0.43
HO3 PDO K . -9.39 30.35 -3.12
C1 U2F L . 11.21 31.53 -34.18
O1 U2F L . 11.39 32.92 -34.07
PB U2F L . 11.34 33.96 -35.28
O1B U2F L . 12.03 33.30 -36.39
O2B U2F L . 9.86 34.37 -35.52
O3A U2F L . 12.15 35.27 -34.90
PA U2F L . 11.84 36.48 -33.91
O1A U2F L . 11.00 36.08 -32.77
O2A U2F L . 11.25 37.59 -34.77
O5' U2F L . 13.31 36.95 -33.45
C5' U2F L . 14.20 37.78 -34.22
C4' U2F L . 14.51 39.08 -33.50
O4' U2F L . 13.30 39.72 -33.05
C1' U2F L . 13.49 40.15 -31.71
C2' U2F L . 14.49 39.15 -31.11
C3' U2F L . 15.44 38.98 -32.29
O3' U2F L . 16.36 40.07 -32.29
O2' U2F L . 15.17 39.64 -29.97
N1 U2F L . 12.18 40.15 -31.04
C6' U2F L . 11.76 41.32 -30.43
O6' U2F L . 12.43 42.36 -30.42
N3 U2F L . 10.53 41.25 -29.82
C7' U2F L . 9.69 40.15 -29.78
O7' U2F L . 8.60 40.23 -29.20
C8' U2F L . 10.19 38.99 -30.45
C9' U2F L . 11.39 39.02 -31.04
C2 U2F L . 9.85 31.10 -33.67
F1 U2F L . 8.88 31.66 -34.52
C3 U2F L . 9.68 31.64 -32.26
O3 U2F L . 8.40 31.32 -31.72
C4 U2F L . 10.80 31.10 -31.36
O4 U2F L . 10.78 31.85 -30.16
C5 U2F L . 12.18 31.29 -31.98
C6 U2F L . 13.22 30.46 -31.28
O6 U2F L . 14.42 30.32 -32.06
O5 U2F L . 12.20 30.91 -33.38
C1 NAG M . -20.10 32.04 -38.13
C2 NAG M . -19.38 31.35 -39.29
C3 NAG M . -19.93 31.84 -40.63
C4 NAG M . -21.44 31.64 -40.66
C5 NAG M . -22.07 32.37 -39.48
C6 NAG M . -23.57 32.19 -39.39
C7 NAG M . -17.07 30.74 -38.66
C8 NAG M . -15.64 31.18 -38.65
N2 NAG M . -17.94 31.61 -39.21
O3 NAG M . -19.35 31.11 -41.70
O4 NAG M . -21.98 32.08 -41.91
O5 NAG M . -21.52 31.86 -38.27
O6 NAG M . -24.22 32.74 -40.55
O7 NAG M . -17.43 29.65 -38.20
CA CA N . 7.63 34.18 -34.84
C1 PDO O . 9.96 25.31 -52.90
O1 PDO O . 8.67 25.77 -52.54
C2 PDO O . 10.33 24.00 -52.28
C3 PDO O . 11.71 23.50 -52.72
O3 PDO O . 11.93 22.14 -52.38
H11 PDO O . 10.69 26.07 -52.64
H12 PDO O . 10.02 25.24 -53.98
HO1 PDO O . 8.60 26.71 -52.86
H21 PDO O . 9.58 23.25 -52.51
H22 PDO O . 10.30 24.08 -51.19
H31 PDO O . 12.48 24.12 -52.27
H32 PDO O . 11.82 23.63 -53.80
HO3 PDO O . 11.89 22.09 -51.39
#